data_5G48
#
_entry.id   5G48
#
_cell.length_a   82.311
_cell.length_b   66.372
_cell.length_c   89.119
_cell.angle_alpha   90.00
_cell.angle_beta   115.96
_cell.angle_gamma   90.00
#
_symmetry.space_group_name_H-M   'P 1 21 1'
#
loop_
_entity.id
_entity.type
_entity.pdbx_description
1 polymer 'DNA POLYMERASE III SUBUNIT BETA'
2 non-polymer '5-(2,4-DIFLUOROPHENYL)-2-HYDROXY-BENZOIC ACID'
3 water water
#
_entity_poly.entity_id   1
_entity_poly.type   'polypeptide(L)'
_entity_poly.pdbx_seq_one_letter_code
;MKISVSKNDLENALRYLQAFLDKKDASSIASHIHLEVIKEKLFLKASDSDIGLKSYIFTQSSDKEGVGTINGKKFLDIIS
CLKDSNIILETKDDSLAIKQNKSSFKLPMFDADEFPEFPVIDPKVSIEVNAPFLVDAFKKIAPVIEQTSHKRELAGILMQ
FDQKHQTLSVVGTDTKRLSYTQLEKISIHSTEEDISCILPKRALLEILKLFYENFSFKSDGMLAVIENEMHTFFTKLIDG
NYPDYQKILPKEYISSFTLGKEEFKESIKLCSSLSSTIKLTLEKNNALFESLDSEHSETAKTSVEIEKGLDIEKAFHLGV
NAKFFLEALNALGTTQFVLRCNEPSSPFLIQESLDEKQSHLNAKISTLMMPITL
;
_entity_poly.pdbx_strand_id   A,B
#
loop_
_chem_comp.id
_chem_comp.type
_chem_comp.name
_chem_comp.formula
1FL non-polymer '5-(2,4-DIFLUOROPHENYL)-2-HYDROXY-BENZOIC ACID' 'C13 H8 F2 O3'
#
# COMPACT_ATOMS: atom_id res chain seq x y z
N MET A 1 12.47 -1.67 19.96
CA MET A 1 10.99 -1.76 20.17
C MET A 1 10.65 -1.81 21.65
N LYS A 2 9.56 -1.14 22.01
CA LYS A 2 8.99 -1.24 23.36
C LYS A 2 7.52 -0.80 23.29
N ILE A 3 6.63 -1.56 23.93
CA ILE A 3 5.20 -1.22 23.94
C ILE A 3 4.44 -1.90 25.09
N SER A 4 3.54 -1.16 25.72
CA SER A 4 2.67 -1.68 26.77
C SER A 4 1.28 -1.92 26.16
N VAL A 5 0.82 -3.17 26.16
CA VAL A 5 -0.45 -3.56 25.52
C VAL A 5 -1.38 -4.30 26.49
N SER A 6 -2.65 -4.39 26.10
CA SER A 6 -3.68 -5.11 26.86
C SER A 6 -3.51 -6.60 26.69
N LYS A 7 -3.60 -7.35 27.81
CA LYS A 7 -3.43 -8.81 27.80
C LYS A 7 -4.44 -9.50 26.89
N ASN A 8 -5.72 -9.19 27.08
CA ASN A 8 -6.79 -9.82 26.29
C ASN A 8 -6.68 -9.51 24.80
N ASP A 9 -6.40 -8.26 24.46
CA ASP A 9 -6.19 -7.85 23.07
C ASP A 9 -5.05 -8.63 22.42
N LEU A 10 -3.95 -8.80 23.16
CA LEU A 10 -2.79 -9.54 22.67
C LEU A 10 -3.09 -11.03 22.61
N GLU A 11 -3.74 -11.57 23.64
CA GLU A 11 -4.11 -12.98 23.66
C GLU A 11 -4.97 -13.32 22.46
N ASN A 12 -6.04 -12.56 22.29
CA ASN A 12 -6.99 -12.75 21.18
C ASN A 12 -6.29 -12.70 19.82
N ALA A 13 -5.45 -11.69 19.62
CA ALA A 13 -4.69 -11.55 18.38
C ALA A 13 -3.82 -12.77 18.11
N LEU A 14 -3.11 -13.24 19.14
CA LEU A 14 -2.21 -14.40 18.99
C LEU A 14 -2.92 -15.70 18.64
N ARG A 15 -4.10 -15.93 19.22
CA ARG A 15 -4.93 -17.12 18.92
C ARG A 15 -5.24 -17.23 17.44
N TYR A 16 -5.69 -16.12 16.85
CA TYR A 16 -5.99 -16.06 15.41
C TYR A 16 -4.79 -16.36 14.52
N LEU A 17 -3.61 -15.91 14.93
CA LEU A 17 -2.38 -16.09 14.15
C LEU A 17 -1.81 -17.51 14.18
N GLN A 18 -2.28 -18.36 15.12
CA GLN A 18 -1.72 -19.71 15.29
C GLN A 18 -1.82 -20.55 14.02
N ALA A 19 -2.96 -20.48 13.33
CA ALA A 19 -3.19 -21.27 12.12
C ALA A 19 -2.28 -20.90 10.94
N PHE A 20 -1.65 -19.73 11.02
CA PHE A 20 -0.73 -19.25 9.98
C PHE A 20 0.74 -19.52 10.30
N LEU A 21 1.01 -20.34 11.32
CA LEU A 21 2.35 -20.69 11.73
C LEU A 21 2.64 -22.16 11.47
N ASP A 22 3.83 -22.46 10.96
CA ASP A 22 4.36 -23.83 10.92
C ASP A 22 5.09 -24.07 12.24
N LYS A 23 4.37 -24.67 13.20
CA LYS A 23 4.81 -24.74 14.60
C LYS A 23 5.78 -25.88 14.94
N LYS A 24 5.86 -26.89 14.07
CA LYS A 24 6.61 -28.11 14.42
C LYS A 24 8.13 -27.93 14.44
N ASP A 25 8.64 -27.10 13.53
CA ASP A 25 10.06 -26.72 13.52
C ASP A 25 10.21 -25.33 14.16
N ALA A 26 10.51 -25.33 15.46
CA ALA A 26 10.69 -24.09 16.23
C ALA A 26 11.97 -23.32 15.84
N SER A 27 12.93 -24.01 15.22
CA SER A 27 14.13 -23.36 14.69
C SER A 27 13.90 -22.62 13.35
N SER A 28 12.71 -22.74 12.77
CA SER A 28 12.37 -22.06 11.51
C SER A 28 11.57 -20.79 11.78
N ILE A 29 11.84 -19.74 10.99
CA ILE A 29 11.10 -18.48 11.10
C ILE A 29 9.62 -18.60 10.71
N ALA A 30 9.25 -19.68 10.01
CA ALA A 30 7.85 -20.05 9.78
C ALA A 30 7.05 -20.28 11.08
N SER A 31 7.74 -20.65 12.16
CA SER A 31 7.13 -20.77 13.50
C SER A 31 7.03 -19.44 14.29
N HIS A 32 7.50 -18.34 13.72
CA HIS A 32 7.60 -17.06 14.43
C HIS A 32 6.57 -16.04 13.94
N ILE A 33 6.14 -15.17 14.84
CA ILE A 33 5.31 -14.00 14.51
C ILE A 33 6.24 -12.81 14.37
N HIS A 34 6.06 -12.04 13.29
CA HIS A 34 6.75 -10.77 13.09
C HIS A 34 6.04 -9.68 13.88
N LEU A 35 6.79 -8.95 14.71
CA LEU A 35 6.25 -7.85 15.52
C LEU A 35 6.83 -6.54 15.03
N GLU A 36 5.98 -5.52 14.88
CA GLU A 36 6.42 -4.16 14.55
C GLU A 36 5.55 -3.14 15.28
N VAL A 37 6.20 -2.22 15.99
CA VAL A 37 5.52 -1.07 16.60
C VAL A 37 5.70 0.13 15.68
N ILE A 38 4.60 0.83 15.40
CA ILE A 38 4.63 2.07 14.62
C ILE A 38 3.46 2.94 15.11
N LYS A 39 3.79 4.13 15.59
CA LYS A 39 2.84 5.05 16.24
C LYS A 39 2.15 4.33 17.42
N GLU A 40 0.81 4.34 17.49
CA GLU A 40 0.09 3.79 18.63
C GLU A 40 -0.25 2.30 18.50
N LYS A 41 0.28 1.62 17.48
CA LYS A 41 -0.13 0.26 17.13
C LYS A 41 1.01 -0.75 17.21
N LEU A 42 0.69 -1.97 17.66
CA LEU A 42 1.57 -3.13 17.51
C LEU A 42 1.00 -3.97 16.38
N PHE A 43 1.77 -4.13 15.30
CA PHE A 43 1.39 -5.00 14.20
C PHE A 43 1.99 -6.38 14.40
N LEU A 44 1.14 -7.42 14.29
CA LEU A 44 1.56 -8.82 14.37
C LEU A 44 1.24 -9.52 13.05
N LYS A 45 2.24 -10.14 12.43
CA LYS A 45 2.06 -10.87 11.18
C LYS A 45 2.50 -12.32 11.33
N ALA A 46 1.78 -13.22 10.67
CA ALA A 46 2.21 -14.60 10.51
C ALA A 46 1.90 -14.99 9.07
N SER A 47 2.94 -15.41 8.33
CA SER A 47 2.76 -15.78 6.94
C SER A 47 3.95 -16.55 6.36
N ASP A 48 3.71 -17.11 5.18
CA ASP A 48 4.76 -17.57 4.27
C ASP A 48 4.40 -16.99 2.90
N SER A 49 4.95 -17.51 1.81
CA SER A 49 4.55 -17.09 0.47
C SER A 49 3.07 -17.36 0.15
N ASP A 50 2.50 -18.44 0.70
CA ASP A 50 1.21 -18.97 0.25
C ASP A 50 -0.01 -18.38 0.95
N ILE A 51 0.13 -18.06 2.23
CA ILE A 51 -0.99 -17.56 3.02
C ILE A 51 -0.48 -16.66 4.15
N GLY A 52 -1.28 -15.71 4.59
CA GLY A 52 -0.86 -14.81 5.67
C GLY A 52 -1.96 -14.04 6.35
N LEU A 53 -1.67 -13.62 7.58
CA LEU A 53 -2.55 -12.74 8.37
C LEU A 53 -1.72 -11.62 8.99
N LYS A 54 -2.21 -10.39 8.85
CA LYS A 54 -1.68 -9.23 9.54
C LYS A 54 -2.76 -8.70 10.48
N SER A 55 -2.42 -8.56 11.76
CA SER A 55 -3.32 -7.99 12.75
C SER A 55 -2.64 -6.82 13.45
N TYR A 56 -3.41 -6.10 14.26
CA TYR A 56 -2.83 -5.14 15.18
C TYR A 56 -3.65 -4.94 16.45
N ILE A 57 -2.99 -4.41 17.47
CA ILE A 57 -3.64 -3.94 18.69
C ILE A 57 -3.11 -2.57 19.05
N PHE A 58 -3.78 -1.91 19.99
CA PHE A 58 -3.46 -0.54 20.38
C PHE A 58 -2.66 -0.48 21.69
N THR A 59 -1.93 0.62 21.87
CA THR A 59 -1.40 1.02 23.18
C THR A 59 -1.97 2.38 23.49
N GLN A 60 -2.00 2.72 24.77
CA GLN A 60 -2.44 4.04 25.22
C GLN A 60 -1.30 4.96 25.65
N SER A 61 -0.17 4.36 26.02
CA SER A 61 0.96 5.10 26.57
C SER A 61 2.13 5.17 25.58
N SER A 62 3.14 5.95 25.96
CA SER A 62 4.36 6.14 25.17
C SER A 62 5.03 4.82 24.83
N ASP A 63 5.56 4.73 23.61
CA ASP A 63 6.24 3.52 23.16
C ASP A 63 7.51 3.84 22.34
N LYS A 64 8.19 2.79 21.87
CA LYS A 64 9.35 2.94 21.00
C LYS A 64 9.19 2.03 19.79
N GLU A 65 9.40 2.61 18.61
CA GLU A 65 9.15 1.93 17.35
C GLU A 65 10.34 1.03 17.00
N GLY A 66 10.05 -0.06 16.29
CA GLY A 66 11.06 -1.07 15.95
C GLY A 66 10.43 -2.41 15.55
N VAL A 67 11.29 -3.35 15.17
CA VAL A 67 10.88 -4.68 14.71
C VAL A 67 11.49 -5.79 15.56
N GLY A 68 10.89 -6.96 15.47
CA GLY A 68 11.34 -8.15 16.19
C GLY A 68 10.51 -9.36 15.82
N THR A 69 10.89 -10.52 16.35
CA THR A 69 10.16 -11.77 16.10
C THR A 69 10.09 -12.60 17.36
N ILE A 70 9.19 -13.59 17.35
CA ILE A 70 9.01 -14.48 18.49
C ILE A 70 8.27 -15.75 18.06
N ASN A 71 8.67 -16.91 18.60
CA ASN A 71 7.93 -18.16 18.37
C ASN A 71 6.47 -17.98 18.78
N GLY A 72 5.57 -18.13 17.82
CA GLY A 72 4.16 -17.77 18.03
C GLY A 72 3.44 -18.67 19.01
N LYS A 73 3.75 -19.96 18.98
CA LYS A 73 3.16 -20.92 19.90
C LYS A 73 3.59 -20.63 21.35
N LYS A 74 4.89 -20.52 21.57
CA LYS A 74 5.43 -20.19 22.90
C LYS A 74 4.90 -18.87 23.43
N PHE A 75 4.77 -17.86 22.56
CA PHE A 75 4.26 -16.54 22.95
C PHE A 75 2.81 -16.64 23.44
N LEU A 76 1.94 -17.29 22.66
CA LEU A 76 0.55 -17.52 23.09
C LEU A 76 0.46 -18.27 24.43
N ASP A 77 1.23 -19.33 24.59
CA ASP A 77 1.26 -20.12 25.83
C ASP A 77 1.59 -19.26 27.06
N ILE A 78 2.61 -18.40 26.90
CA ILE A 78 3.01 -17.46 27.96
C ILE A 78 1.87 -16.48 28.29
N ILE A 79 1.37 -15.78 27.26
CA ILE A 79 0.36 -14.75 27.46
C ILE A 79 -0.93 -15.33 28.05
N SER A 80 -1.33 -16.54 27.61
CA SER A 80 -2.53 -17.19 28.13
C SER A 80 -2.45 -17.55 29.62
N CYS A 81 -1.23 -17.75 30.13
CA CYS A 81 -0.99 -18.05 31.55
C CYS A 81 -0.82 -16.82 32.45
N LEU A 82 -0.88 -15.60 31.88
CA LEU A 82 -0.70 -14.36 32.66
C LEU A 82 -2.04 -13.80 33.17
N LYS A 83 -1.93 -12.77 34.01
CA LYS A 83 -3.09 -12.08 34.59
C LYS A 83 -3.71 -11.07 33.62
N ASP A 84 -4.87 -10.52 33.98
CA ASP A 84 -5.60 -9.57 33.12
C ASP A 84 -5.18 -8.12 33.40
N SER A 85 -3.89 -7.83 33.22
CA SER A 85 -3.35 -6.47 33.31
C SER A 85 -2.33 -6.29 32.19
N ASN A 86 -1.86 -5.05 32.00
CA ASN A 86 -1.02 -4.70 30.86
C ASN A 86 0.28 -5.51 30.78
N ILE A 87 0.73 -5.75 29.55
CA ILE A 87 1.95 -6.51 29.28
C ILE A 87 2.93 -5.63 28.51
N ILE A 88 4.15 -5.51 29.03
CA ILE A 88 5.20 -4.74 28.36
C ILE A 88 6.03 -5.69 27.50
N LEU A 89 6.12 -5.39 26.20
CA LEU A 89 6.97 -6.11 25.26
C LEU A 89 8.12 -5.18 24.86
N GLU A 90 9.34 -5.71 24.84
CA GLU A 90 10.54 -4.90 24.59
C GLU A 90 11.65 -5.76 23.99
N THR A 91 12.23 -5.32 22.87
CA THR A 91 13.40 -6.00 22.30
C THR A 91 14.65 -5.60 23.05
N LYS A 92 15.50 -6.59 23.31
CA LYS A 92 16.79 -6.37 23.97
C LYS A 92 17.82 -7.23 23.23
N ASP A 93 18.57 -6.57 22.35
CA ASP A 93 19.44 -7.23 21.36
C ASP A 93 18.66 -8.25 20.52
N ASP A 94 19.01 -9.54 20.58
CA ASP A 94 18.38 -10.56 19.74
C ASP A 94 17.39 -11.38 20.57
N SER A 95 16.71 -10.71 21.49
CA SER A 95 15.82 -11.33 22.48
C SER A 95 14.58 -10.45 22.67
N LEU A 96 13.41 -11.05 22.78
CA LEU A 96 12.18 -10.33 23.13
C LEU A 96 11.88 -10.53 24.61
N ALA A 97 11.78 -9.41 25.34
CA ALA A 97 11.42 -9.44 26.75
C ALA A 97 9.92 -9.22 26.88
N ILE A 98 9.30 -9.98 27.77
CA ILE A 98 7.88 -9.83 28.10
C ILE A 98 7.81 -9.61 29.60
N LYS A 99 7.11 -8.56 30.04
CA LYS A 99 7.02 -8.22 31.47
C LYS A 99 5.60 -7.87 31.89
N GLN A 100 5.13 -8.53 32.96
CA GLN A 100 3.85 -8.21 33.61
C GLN A 100 4.07 -8.21 35.13
N ASN A 101 4.33 -7.03 35.67
CA ASN A 101 4.66 -6.85 37.09
C ASN A 101 5.77 -7.82 37.55
N LYS A 102 5.42 -8.88 38.29
CA LYS A 102 6.43 -9.78 38.86
C LYS A 102 6.90 -10.88 37.90
N SER A 103 6.18 -11.08 36.80
CA SER A 103 6.52 -12.09 35.80
C SER A 103 7.35 -11.49 34.67
N SER A 104 8.44 -12.16 34.29
CA SER A 104 9.27 -11.71 33.16
C SER A 104 9.85 -12.89 32.35
N PHE A 105 9.89 -12.70 31.04
CA PHE A 105 10.28 -13.76 30.10
C PHE A 105 11.21 -13.20 29.04
N LYS A 106 12.20 -13.99 28.63
CA LYS A 106 13.03 -13.68 27.47
C LYS A 106 12.94 -14.83 26.48
N LEU A 107 12.78 -14.48 25.20
CA LEU A 107 12.76 -15.47 24.12
C LEU A 107 13.61 -15.02 22.94
N PRO A 108 14.29 -15.97 22.27
CA PRO A 108 15.19 -15.61 21.18
C PRO A 108 14.39 -15.18 19.96
N MET A 109 14.82 -14.08 19.33
CA MET A 109 14.21 -13.60 18.09
C MET A 109 15.08 -14.06 16.92
N PHE A 110 14.46 -14.20 15.76
CA PHE A 110 15.21 -14.39 14.52
C PHE A 110 15.30 -13.05 13.81
N ASP A 111 16.10 -13.00 12.76
CA ASP A 111 16.28 -11.79 11.98
C ASP A 111 14.97 -11.42 11.29
N ALA A 112 14.44 -10.24 11.61
CA ALA A 112 13.15 -9.78 11.07
C ALA A 112 13.16 -9.61 9.55
N ASP A 113 14.33 -9.35 8.97
CA ASP A 113 14.48 -9.23 7.51
C ASP A 113 14.22 -10.52 6.73
N GLU A 114 14.38 -11.70 7.36
CA GLU A 114 14.04 -12.97 6.70
C GLU A 114 12.53 -13.16 6.57
N PHE A 115 11.74 -12.43 7.35
CA PHE A 115 10.28 -12.56 7.30
C PHE A 115 9.74 -12.19 5.92
N PRO A 116 8.93 -13.08 5.31
CA PRO A 116 8.42 -12.77 3.96
C PRO A 116 7.57 -11.50 3.94
N GLU A 117 7.85 -10.60 3.00
CA GLU A 117 7.17 -9.31 2.95
C GLU A 117 5.70 -9.54 2.61
N PHE A 118 4.83 -8.77 3.27
CA PHE A 118 3.39 -8.93 3.10
C PHE A 118 3.00 -8.32 1.73
N PRO A 119 2.28 -9.09 0.90
CA PRO A 119 2.03 -8.65 -0.48
C PRO A 119 1.06 -7.48 -0.59
N VAL A 120 1.34 -6.59 -1.54
CA VAL A 120 0.42 -5.53 -1.93
C VAL A 120 0.12 -5.77 -3.41
N ILE A 121 -1.16 -5.74 -3.76
CA ILE A 121 -1.60 -6.07 -5.12
C ILE A 121 -2.20 -4.87 -5.82
N ASP A 122 -2.17 -4.91 -7.15
CA ASP A 122 -2.88 -3.98 -8.01
C ASP A 122 -4.11 -4.78 -8.48
N PRO A 123 -5.27 -4.55 -7.83
CA PRO A 123 -6.41 -5.46 -8.02
C PRO A 123 -7.07 -5.33 -9.39
N LYS A 124 -7.37 -6.47 -10.01
CA LYS A 124 -8.17 -6.54 -11.24
C LYS A 124 -9.65 -6.76 -10.95
N VAL A 125 -9.97 -7.06 -9.69
CA VAL A 125 -11.35 -7.24 -9.23
C VAL A 125 -11.43 -6.84 -7.76
N SER A 126 -12.52 -6.20 -7.36
CA SER A 126 -12.72 -5.79 -5.98
C SER A 126 -14.19 -5.71 -5.64
N ILE A 127 -14.56 -6.15 -4.44
CA ILE A 127 -15.93 -6.04 -3.94
C ILE A 127 -15.93 -5.59 -2.49
N GLU A 128 -17.01 -4.91 -2.10
CA GLU A 128 -17.27 -4.58 -0.71
C GLU A 128 -18.41 -5.46 -0.23
N VAL A 129 -18.17 -6.23 0.82
CA VAL A 129 -19.15 -7.17 1.33
C VAL A 129 -19.68 -6.62 2.65
N ASN A 130 -20.91 -6.12 2.61
CA ASN A 130 -21.58 -5.54 3.77
C ASN A 130 -22.74 -6.40 4.28
N ALA A 131 -22.67 -7.70 4.00
CA ALA A 131 -23.68 -8.65 4.48
C ALA A 131 -23.12 -10.08 4.47
N PRO A 132 -23.70 -10.98 5.30
CA PRO A 132 -23.11 -12.31 5.47
C PRO A 132 -23.30 -13.32 4.33
N PHE A 133 -23.93 -12.92 3.22
CA PHE A 133 -24.17 -13.83 2.09
C PHE A 133 -22.94 -14.63 1.62
N LEU A 134 -21.78 -14.00 1.55
CA LEU A 134 -20.61 -14.63 0.94
C LEU A 134 -20.03 -15.72 1.85
N VAL A 135 -19.75 -15.35 3.10
CA VAL A 135 -19.26 -16.33 4.08
C VAL A 135 -20.29 -17.45 4.32
N ASP A 136 -21.58 -17.12 4.23
CA ASP A 136 -22.65 -18.11 4.29
C ASP A 136 -22.53 -19.11 3.14
N ALA A 137 -22.26 -18.59 1.93
CA ALA A 137 -21.97 -19.43 0.76
C ALA A 137 -20.73 -20.31 0.97
N PHE A 138 -19.67 -19.70 1.47
CA PHE A 138 -18.42 -20.39 1.78
C PHE A 138 -18.61 -21.54 2.77
N LYS A 139 -19.27 -21.23 3.88
CA LYS A 139 -19.56 -22.21 4.94
C LYS A 139 -20.37 -23.41 4.43
N LYS A 140 -21.38 -23.13 3.62
CA LYS A 140 -22.31 -24.16 3.16
C LYS A 140 -21.71 -25.07 2.09
N ILE A 141 -20.82 -24.51 1.26
CA ILE A 141 -20.20 -25.23 0.15
C ILE A 141 -18.91 -25.95 0.56
N ALA A 142 -18.18 -25.40 1.53
CA ALA A 142 -16.88 -25.96 1.97
C ALA A 142 -16.80 -27.48 2.20
N PRO A 143 -17.84 -28.11 2.80
CA PRO A 143 -17.81 -29.57 3.02
C PRO A 143 -17.67 -30.46 1.79
N VAL A 144 -18.07 -29.99 0.61
CA VAL A 144 -17.96 -30.77 -0.62
C VAL A 144 -16.57 -30.68 -1.27
N ILE A 145 -15.74 -29.74 -0.82
CA ILE A 145 -14.40 -29.54 -1.38
C ILE A 145 -13.40 -30.34 -0.56
N GLU A 146 -12.66 -31.22 -1.22
CA GLU A 146 -11.63 -32.03 -0.54
C GLU A 146 -10.28 -31.40 -0.82
N GLN A 147 -9.56 -31.06 0.24
CA GLN A 147 -8.26 -30.38 0.13
C GLN A 147 -7.20 -31.30 -0.49
N THR A 148 -7.31 -32.59 -0.19
CA THR A 148 -6.47 -33.62 -0.81
C THR A 148 -6.91 -34.04 -2.24
N SER A 149 -7.76 -33.25 -2.91
CA SER A 149 -8.18 -33.53 -4.28
C SER A 149 -6.97 -33.68 -5.17
N HIS A 150 -6.91 -34.78 -5.92
CA HIS A 150 -5.78 -35.07 -6.81
C HIS A 150 -5.81 -34.21 -8.09
N LYS A 151 -6.98 -33.66 -8.44
CA LYS A 151 -7.10 -32.62 -9.46
C LYS A 151 -7.00 -31.26 -8.75
N ARG A 152 -6.06 -30.43 -9.19
CA ARG A 152 -5.61 -29.26 -8.44
C ARG A 152 -6.67 -28.15 -8.28
N GLU A 153 -7.32 -27.79 -9.38
CA GLU A 153 -8.32 -26.71 -9.40
C GLU A 153 -9.60 -27.03 -8.62
N LEU A 154 -9.90 -28.31 -8.43
CA LEU A 154 -11.03 -28.74 -7.59
C LEU A 154 -10.70 -28.70 -6.08
N ALA A 155 -9.43 -28.53 -5.73
CA ALA A 155 -9.03 -28.39 -4.32
C ALA A 155 -9.45 -27.06 -3.68
N GLY A 156 -10.03 -26.14 -4.46
CA GLY A 156 -10.51 -24.86 -3.94
C GLY A 156 -11.92 -24.49 -4.35
N ILE A 157 -12.40 -23.38 -3.79
CA ILE A 157 -13.74 -22.86 -4.08
C ILE A 157 -13.65 -21.83 -5.21
N LEU A 158 -14.57 -21.91 -6.17
CA LEU A 158 -14.60 -20.98 -7.30
C LEU A 158 -15.35 -19.71 -6.92
N MET A 159 -14.78 -18.57 -7.26
CA MET A 159 -15.48 -17.29 -7.22
C MET A 159 -15.45 -16.73 -8.64
N GLN A 160 -16.58 -16.81 -9.35
CA GLN A 160 -16.70 -16.35 -10.73
C GLN A 160 -17.46 -15.02 -10.77
N PHE A 161 -16.74 -13.95 -11.08
CA PHE A 161 -17.30 -12.60 -11.09
C PHE A 161 -17.84 -12.27 -12.47
N ASP A 162 -19.06 -11.73 -12.51
CA ASP A 162 -19.68 -11.24 -13.74
C ASP A 162 -19.94 -9.75 -13.55
N GLN A 163 -18.95 -8.96 -13.94
CA GLN A 163 -18.98 -7.48 -13.82
C GLN A 163 -20.21 -6.91 -14.53
N LYS A 164 -20.37 -7.26 -15.80
CA LYS A 164 -21.50 -6.81 -16.63
C LYS A 164 -22.90 -6.91 -15.95
N HIS A 165 -23.19 -8.02 -15.27
CA HIS A 165 -24.52 -8.23 -14.65
C HIS A 165 -24.54 -8.31 -13.12
N GLN A 166 -23.42 -7.93 -12.49
CA GLN A 166 -23.34 -7.80 -11.04
C GLN A 166 -23.79 -9.09 -10.31
N THR A 167 -23.29 -10.22 -10.79
CA THR A 167 -23.47 -11.51 -10.11
C THR A 167 -22.11 -12.11 -9.78
N LEU A 168 -22.00 -12.65 -8.56
CA LEU A 168 -20.87 -13.47 -8.15
C LEU A 168 -21.37 -14.89 -7.99
N SER A 169 -20.76 -15.83 -8.71
CA SER A 169 -21.08 -17.24 -8.60
C SER A 169 -20.02 -17.92 -7.74
N VAL A 170 -20.48 -18.73 -6.79
CA VAL A 170 -19.61 -19.44 -5.84
C VAL A 170 -19.89 -20.93 -5.99
N VAL A 171 -18.86 -21.74 -6.23
CA VAL A 171 -19.02 -23.15 -6.61
C VAL A 171 -17.97 -24.03 -5.95
N GLY A 172 -18.41 -25.20 -5.47
CA GLY A 172 -17.51 -26.26 -4.98
C GLY A 172 -17.94 -27.59 -5.56
N THR A 173 -16.99 -28.53 -5.64
CA THR A 173 -17.27 -29.88 -6.11
C THR A 173 -16.15 -30.88 -5.78
N ASP A 174 -16.54 -32.15 -5.70
CA ASP A 174 -15.62 -33.29 -5.62
C ASP A 174 -15.83 -34.30 -6.76
N THR A 175 -16.56 -33.89 -7.81
CA THR A 175 -17.00 -34.74 -8.94
C THR A 175 -18.22 -35.65 -8.66
N LYS A 176 -18.54 -35.89 -7.39
CA LYS A 176 -19.71 -36.70 -7.00
C LYS A 176 -20.91 -35.81 -6.65
N ARG A 177 -20.63 -34.68 -5.98
CA ARG A 177 -21.62 -33.62 -5.75
C ARG A 177 -21.05 -32.27 -6.19
N LEU A 178 -21.93 -31.40 -6.70
CA LEU A 178 -21.56 -30.05 -7.09
C LEU A 178 -22.54 -29.10 -6.43
N SER A 179 -22.03 -28.24 -5.55
CA SER A 179 -22.83 -27.25 -4.84
C SER A 179 -22.49 -25.87 -5.36
N TYR A 180 -23.52 -25.04 -5.55
CA TYR A 180 -23.33 -23.73 -6.17
C TYR A 180 -24.37 -22.72 -5.73
N THR A 181 -24.04 -21.45 -5.91
CA THR A 181 -25.00 -20.36 -5.75
C THR A 181 -24.64 -19.20 -6.65
N GLN A 182 -25.65 -18.41 -7.01
CA GLN A 182 -25.48 -17.19 -7.78
C GLN A 182 -25.91 -16.03 -6.89
N LEU A 183 -24.95 -15.21 -6.47
CA LEU A 183 -25.23 -14.05 -5.60
C LEU A 183 -25.57 -12.82 -6.43
N GLU A 184 -26.82 -12.38 -6.34
CA GLU A 184 -27.35 -11.29 -7.19
C GLU A 184 -27.01 -9.92 -6.63
N LYS A 185 -27.01 -8.92 -7.52
CA LYS A 185 -26.91 -7.50 -7.16
C LYS A 185 -25.76 -7.19 -6.22
N ILE A 186 -24.55 -7.52 -6.67
CA ILE A 186 -23.31 -7.29 -5.90
C ILE A 186 -22.46 -6.24 -6.63
N SER A 187 -22.02 -5.22 -5.91
CA SER A 187 -21.25 -4.12 -6.51
C SER A 187 -19.85 -4.57 -6.87
N ILE A 188 -19.72 -5.14 -8.07
CA ILE A 188 -18.45 -5.63 -8.59
C ILE A 188 -17.73 -4.52 -9.38
N HIS A 189 -16.52 -4.20 -8.96
CA HIS A 189 -15.61 -3.34 -9.70
C HIS A 189 -14.48 -4.21 -10.24
N SER A 190 -14.26 -4.17 -11.56
CA SER A 190 -13.28 -5.04 -12.22
C SER A 190 -12.87 -4.53 -13.58
N THR A 191 -11.62 -4.83 -13.98
CA THR A 191 -11.06 -4.42 -15.27
C THR A 191 -11.39 -5.39 -16.42
N GLU A 192 -12.16 -6.44 -16.12
CA GLU A 192 -12.72 -7.34 -17.13
C GLU A 192 -14.20 -7.54 -16.84
N GLU A 193 -14.98 -7.90 -17.88
CA GLU A 193 -16.40 -8.21 -17.71
C GLU A 193 -16.62 -9.57 -17.02
N ASP A 194 -15.66 -10.49 -17.18
CA ASP A 194 -15.65 -11.76 -16.44
C ASP A 194 -14.25 -12.18 -16.00
N ILE A 195 -14.18 -12.69 -14.75
CA ILE A 195 -12.91 -13.11 -14.13
C ILE A 195 -13.24 -14.17 -13.05
N SER A 196 -12.32 -15.12 -12.87
CA SER A 196 -12.50 -16.24 -11.93
C SER A 196 -11.32 -16.39 -10.97
N CYS A 197 -11.63 -16.57 -9.69
CA CYS A 197 -10.63 -16.77 -8.63
C CYS A 197 -10.93 -18.08 -7.88
N ILE A 198 -9.92 -18.93 -7.72
CA ILE A 198 -10.06 -20.19 -6.99
C ILE A 198 -9.29 -20.11 -5.68
N LEU A 199 -10.01 -20.09 -4.55
CA LEU A 199 -9.37 -20.03 -3.23
C LEU A 199 -9.12 -21.44 -2.70
N PRO A 200 -7.88 -21.75 -2.25
CA PRO A 200 -7.64 -23.07 -1.65
C PRO A 200 -8.51 -23.32 -0.43
N LYS A 201 -8.87 -24.60 -0.22
CA LYS A 201 -9.68 -25.02 0.92
C LYS A 201 -9.13 -24.50 2.24
N ARG A 202 -7.84 -24.71 2.41
CA ARG A 202 -7.07 -24.18 3.54
C ARG A 202 -7.48 -22.74 3.85
N ALA A 203 -7.35 -21.86 2.85
CA ALA A 203 -7.64 -20.43 2.99
C ALA A 203 -9.12 -20.17 3.25
N LEU A 204 -9.97 -20.91 2.54
CA LEU A 204 -11.41 -20.85 2.76
C LEU A 204 -11.78 -21.07 4.22
N LEU A 205 -11.14 -22.04 4.87
CA LEU A 205 -11.41 -22.35 6.28
C LEU A 205 -10.99 -21.23 7.22
N GLU A 206 -9.81 -20.65 6.97
CA GLU A 206 -9.32 -19.52 7.77
C GLU A 206 -10.20 -18.29 7.59
N ILE A 207 -10.66 -18.04 6.36
CA ILE A 207 -11.58 -16.92 6.10
C ILE A 207 -12.84 -17.02 6.98
N LEU A 208 -13.37 -18.22 7.16
CA LEU A 208 -14.55 -18.45 8.01
C LEU A 208 -14.30 -18.15 9.50
N LYS A 209 -13.08 -18.35 9.98
CA LYS A 209 -12.70 -17.97 11.36
C LYS A 209 -12.54 -16.45 11.55
N LEU A 210 -12.24 -15.72 10.47
CA LEU A 210 -11.81 -14.32 10.56
C LEU A 210 -12.84 -13.27 10.16
N PHE A 211 -13.65 -13.57 9.14
CA PHE A 211 -14.52 -12.57 8.50
C PHE A 211 -15.98 -12.99 8.50
N TYR A 212 -16.88 -12.01 8.53
CA TYR A 212 -18.31 -12.25 8.50
C TYR A 212 -18.99 -11.26 7.54
N GLU A 213 -19.04 -10.00 7.93
CA GLU A 213 -19.54 -8.93 7.06
C GLU A 213 -18.68 -7.69 7.27
N ASN A 214 -18.89 -6.68 6.42
CA ASN A 214 -18.08 -5.45 6.43
C ASN A 214 -16.59 -5.74 6.21
N PHE A 215 -16.30 -6.31 5.04
CA PHE A 215 -14.93 -6.53 4.60
C PHE A 215 -14.82 -6.36 3.09
N SER A 216 -13.60 -6.13 2.63
CA SER A 216 -13.32 -6.01 1.21
C SER A 216 -12.64 -7.30 0.75
N PHE A 217 -12.92 -7.71 -0.48
CA PHE A 217 -12.19 -8.79 -1.15
C PHE A 217 -11.54 -8.18 -2.39
N LYS A 218 -10.28 -8.52 -2.62
CA LYS A 218 -9.53 -8.04 -3.79
C LYS A 218 -8.62 -9.11 -4.36
N SER A 219 -8.35 -9.04 -5.67
CA SER A 219 -7.41 -9.96 -6.32
C SER A 219 -6.82 -9.42 -7.62
N ASP A 220 -5.59 -9.85 -7.89
CA ASP A 220 -4.86 -9.52 -9.11
C ASP A 220 -4.75 -10.72 -10.07
N GLY A 221 -5.59 -11.75 -9.85
CA GLY A 221 -5.49 -13.01 -10.57
C GLY A 221 -4.42 -13.96 -10.06
N MET A 222 -3.77 -13.61 -8.95
CA MET A 222 -2.66 -14.40 -8.40
C MET A 222 -2.75 -14.56 -6.89
N LEU A 223 -3.03 -13.47 -6.19
CA LEU A 223 -3.33 -13.48 -4.77
C LEU A 223 -4.74 -12.97 -4.54
N ALA A 224 -5.39 -13.47 -3.49
CA ALA A 224 -6.62 -12.86 -2.98
C ALA A 224 -6.23 -12.13 -1.69
N VAL A 225 -6.70 -10.90 -1.53
CA VAL A 225 -6.47 -10.12 -0.31
C VAL A 225 -7.83 -9.73 0.25
N ILE A 226 -8.04 -10.06 1.51
CA ILE A 226 -9.30 -9.78 2.21
C ILE A 226 -8.96 -8.93 3.44
N GLU A 227 -9.77 -7.89 3.65
CA GLU A 227 -9.47 -6.90 4.69
C GLU A 227 -10.71 -6.36 5.38
N ASN A 228 -10.65 -6.28 6.71
CA ASN A 228 -11.60 -5.49 7.50
C ASN A 228 -10.81 -4.51 8.38
N GLU A 229 -11.51 -3.78 9.25
CA GLU A 229 -10.87 -2.81 10.16
C GLU A 229 -9.74 -3.41 11.01
N MET A 230 -9.89 -4.68 11.41
CA MET A 230 -8.92 -5.38 12.27
C MET A 230 -7.78 -6.06 11.50
N HIS A 231 -8.11 -6.81 10.45
CA HIS A 231 -7.18 -7.76 9.84
C HIS A 231 -6.99 -7.57 8.34
N THR A 232 -5.79 -7.88 7.85
CA THR A 232 -5.56 -8.09 6.43
C THR A 232 -5.11 -9.54 6.23
N PHE A 233 -5.85 -10.28 5.41
CA PHE A 233 -5.57 -11.67 5.08
C PHE A 233 -5.22 -11.77 3.61
N PHE A 234 -4.26 -12.64 3.27
CA PHE A 234 -4.06 -13.03 1.88
C PHE A 234 -3.91 -14.54 1.71
N THR A 235 -4.16 -14.99 0.50
CA THR A 235 -3.87 -16.36 0.07
C THR A 235 -3.45 -16.33 -1.39
N LYS A 236 -2.59 -17.28 -1.77
CA LYS A 236 -2.35 -17.56 -3.19
C LYS A 236 -3.58 -18.23 -3.76
N LEU A 237 -3.92 -17.91 -5.01
CA LEU A 237 -4.99 -18.58 -5.73
C LEU A 237 -4.45 -19.88 -6.32
N ILE A 238 -5.36 -20.81 -6.61
CA ILE A 238 -5.03 -22.02 -7.35
C ILE A 238 -5.08 -21.66 -8.84
N ASP A 239 -4.00 -21.98 -9.55
CA ASP A 239 -3.86 -21.63 -10.96
C ASP A 239 -4.52 -22.71 -11.82
N GLY A 240 -5.09 -22.30 -12.97
CA GLY A 240 -5.78 -23.22 -13.87
C GLY A 240 -7.26 -22.88 -14.01
N ASN A 241 -7.95 -23.66 -14.85
CA ASN A 241 -9.35 -23.43 -15.22
C ASN A 241 -10.29 -24.34 -14.45
N TYR A 242 -11.20 -23.73 -13.69
CA TYR A 242 -12.28 -24.48 -13.04
C TYR A 242 -13.21 -24.94 -14.16
N PRO A 243 -13.65 -26.21 -14.12
CA PRO A 243 -14.50 -26.70 -15.22
C PRO A 243 -15.82 -25.94 -15.33
N ASP A 244 -16.37 -25.91 -16.53
CA ASP A 244 -17.64 -25.23 -16.76
C ASP A 244 -18.70 -25.99 -15.98
N TYR A 245 -19.02 -25.49 -14.79
CA TYR A 245 -20.04 -26.11 -13.94
C TYR A 245 -21.45 -25.98 -14.55
N GLN A 246 -21.65 -24.93 -15.35
CA GLN A 246 -22.95 -24.63 -15.96
C GLN A 246 -23.36 -25.64 -17.04
N LYS A 247 -22.41 -26.15 -17.82
CA LYS A 247 -22.71 -27.20 -18.81
C LYS A 247 -23.03 -28.57 -18.18
N ILE A 248 -22.59 -28.79 -16.94
CA ILE A 248 -22.87 -30.03 -16.21
C ILE A 248 -24.33 -30.10 -15.75
N LEU A 249 -24.89 -28.97 -15.33
CA LEU A 249 -26.24 -28.94 -14.72
C LEU A 249 -27.31 -29.35 -15.74
N PRO A 250 -28.20 -30.29 -15.37
CA PRO A 250 -29.31 -30.64 -16.26
C PRO A 250 -30.21 -29.45 -16.57
N LYS A 251 -30.68 -29.36 -17.82
CA LYS A 251 -31.59 -28.29 -18.25
C LYS A 251 -33.02 -28.50 -17.76
N GLU A 252 -33.46 -29.76 -17.77
CA GLU A 252 -34.83 -30.14 -17.41
C GLU A 252 -34.85 -31.32 -16.45
N TYR A 253 -35.91 -31.39 -15.65
CA TYR A 253 -36.14 -32.50 -14.73
C TYR A 253 -37.53 -33.07 -14.96
N ILE A 254 -37.62 -34.40 -15.04
CA ILE A 254 -38.89 -35.10 -15.23
C ILE A 254 -39.79 -34.93 -14.00
N SER A 255 -39.21 -35.02 -12.81
CA SER A 255 -39.97 -34.96 -11.56
C SER A 255 -39.39 -33.93 -10.59
N SER A 256 -40.27 -33.28 -9.83
CA SER A 256 -39.89 -32.31 -8.80
C SER A 256 -40.76 -32.52 -7.56
N PHE A 257 -40.11 -32.87 -6.44
CA PHE A 257 -40.80 -33.22 -5.21
C PHE A 257 -40.48 -32.22 -4.10
N THR A 258 -41.51 -31.69 -3.45
CA THR A 258 -41.35 -30.79 -2.30
C THR A 258 -41.51 -31.61 -1.03
N LEU A 259 -40.41 -31.77 -0.28
CA LEU A 259 -40.31 -32.75 0.82
C LEU A 259 -39.80 -32.09 2.11
N GLY A 260 -40.07 -32.74 3.25
CA GLY A 260 -39.63 -32.22 4.56
C GLY A 260 -38.15 -32.41 4.83
N LYS A 261 -37.44 -31.32 5.17
CA LYS A 261 -35.99 -31.36 5.36
C LYS A 261 -35.56 -32.18 6.58
N GLU A 262 -36.10 -31.83 7.75
CA GLU A 262 -35.70 -32.48 9.01
C GLU A 262 -36.10 -33.95 9.06
N GLU A 263 -37.29 -34.28 8.56
CA GLU A 263 -37.72 -35.68 8.49
C GLU A 263 -36.78 -36.52 7.61
N PHE A 264 -36.34 -35.95 6.49
CA PHE A 264 -35.38 -36.64 5.61
C PHE A 264 -34.00 -36.76 6.28
N LYS A 265 -33.55 -35.69 6.94
CA LYS A 265 -32.31 -35.74 7.72
C LYS A 265 -32.34 -36.89 8.72
N GLU A 266 -33.40 -36.94 9.54
CA GLU A 266 -33.58 -37.97 10.56
C GLU A 266 -33.62 -39.39 10.01
N SER A 267 -34.34 -39.57 8.90
CA SER A 267 -34.52 -40.89 8.31
C SER A 267 -33.23 -41.42 7.65
N ILE A 268 -32.50 -40.51 7.00
CA ILE A 268 -31.22 -40.84 6.37
C ILE A 268 -30.14 -41.12 7.43
N LYS A 269 -30.05 -40.24 8.43
CA LYS A 269 -29.17 -40.46 9.59
C LYS A 269 -29.43 -41.83 10.22
N LEU A 270 -30.69 -42.14 10.42
CA LEU A 270 -31.13 -43.41 11.01
C LEU A 270 -30.67 -44.61 10.19
N CYS A 271 -30.95 -44.59 8.89
CA CYS A 271 -30.54 -45.68 7.99
C CYS A 271 -29.02 -45.78 7.81
N SER A 272 -28.33 -44.65 7.92
CA SER A 272 -26.88 -44.63 7.77
C SER A 272 -26.11 -45.20 8.98
N SER A 273 -26.82 -45.57 10.05
CA SER A 273 -26.24 -46.35 11.15
C SER A 273 -25.63 -47.69 10.71
N LEU A 274 -26.16 -48.29 9.65
CA LEU A 274 -25.64 -49.56 9.11
C LEU A 274 -25.08 -49.49 7.68
N SER A 275 -25.20 -48.35 7.02
CA SER A 275 -24.75 -48.22 5.63
C SER A 275 -24.22 -46.84 5.33
N SER A 276 -23.46 -46.73 4.24
CA SER A 276 -23.06 -45.44 3.68
C SER A 276 -23.98 -44.98 2.55
N THR A 277 -24.70 -45.92 1.92
CA THR A 277 -25.67 -45.60 0.86
C THR A 277 -27.08 -46.06 1.28
N ILE A 278 -28.08 -45.42 0.68
CA ILE A 278 -29.49 -45.62 1.05
C ILE A 278 -30.36 -45.72 -0.19
N LYS A 279 -31.36 -46.60 -0.13
CA LYS A 279 -32.39 -46.70 -1.15
C LYS A 279 -33.61 -45.90 -0.72
N LEU A 280 -33.93 -44.85 -1.49
CA LEU A 280 -35.09 -44.01 -1.24
C LEU A 280 -36.25 -44.43 -2.15
N THR A 281 -37.42 -44.68 -1.55
CA THR A 281 -38.64 -44.98 -2.31
C THR A 281 -39.69 -43.91 -2.05
N LEU A 282 -40.03 -43.15 -3.09
CA LEU A 282 -41.05 -42.12 -3.01
C LEU A 282 -42.34 -42.66 -3.61
N GLU A 283 -43.38 -42.69 -2.78
CA GLU A 283 -44.73 -43.04 -3.21
C GLU A 283 -45.62 -41.80 -3.05
N LYS A 284 -46.89 -41.91 -3.44
CA LYS A 284 -47.81 -40.77 -3.43
C LYS A 284 -47.87 -40.07 -2.08
N ASN A 285 -48.05 -40.84 -1.01
CA ASN A 285 -48.17 -40.30 0.34
C ASN A 285 -47.14 -40.88 1.34
N ASN A 286 -46.03 -41.42 0.83
CA ASN A 286 -45.00 -42.04 1.67
C ASN A 286 -43.58 -41.87 1.11
N ALA A 287 -42.62 -41.75 2.02
CA ALA A 287 -41.21 -41.79 1.70
C ALA A 287 -40.61 -42.94 2.51
N LEU A 288 -40.07 -43.95 1.82
CA LEU A 288 -39.44 -45.11 2.48
C LEU A 288 -37.93 -45.01 2.34
N PHE A 289 -37.22 -45.39 3.41
CA PHE A 289 -35.76 -45.33 3.45
C PHE A 289 -35.26 -46.71 3.87
N GLU A 290 -34.29 -47.26 3.13
CA GLU A 290 -33.65 -48.53 3.49
C GLU A 290 -32.14 -48.49 3.30
N SER A 291 -31.41 -49.13 4.20
CA SER A 291 -29.96 -49.32 4.04
C SER A 291 -29.71 -50.19 2.80
N LEU A 292 -28.69 -49.84 2.03
CA LEU A 292 -28.47 -50.40 0.69
C LEU A 292 -27.17 -51.17 0.59
N ASP A 293 -26.04 -50.53 0.93
CA ASP A 293 -24.74 -51.22 1.01
C ASP A 293 -24.41 -51.70 2.45
N SER A 294 -25.45 -51.95 3.24
CA SER A 294 -25.30 -52.66 4.52
C SER A 294 -24.85 -54.10 4.25
N GLU A 295 -24.27 -54.72 5.28
CA GLU A 295 -23.67 -56.05 5.17
C GLU A 295 -24.76 -57.13 5.10
N HIS A 296 -24.33 -58.37 4.87
CA HIS A 296 -25.24 -59.51 4.81
C HIS A 296 -26.05 -59.62 6.12
N SER A 297 -27.37 -59.65 6.00
CA SER A 297 -28.30 -59.75 7.15
C SER A 297 -28.24 -58.58 8.15
N GLU A 298 -27.89 -57.39 7.66
CA GLU A 298 -28.02 -56.16 8.43
C GLU A 298 -28.92 -55.22 7.64
N THR A 299 -29.97 -54.73 8.29
CA THR A 299 -30.98 -53.89 7.63
C THR A 299 -31.42 -52.77 8.56
N ALA A 300 -31.64 -51.59 7.97
CA ALA A 300 -32.23 -50.46 8.66
C ALA A 300 -33.31 -49.87 7.77
N LYS A 301 -34.54 -49.86 8.24
CA LYS A 301 -35.68 -49.32 7.52
C LYS A 301 -36.41 -48.30 8.35
N THR A 302 -36.95 -47.28 7.67
CA THR A 302 -37.93 -46.38 8.26
C THR A 302 -38.78 -45.76 7.17
N SER A 303 -39.83 -45.05 7.58
CA SER A 303 -40.66 -44.32 6.64
C SER A 303 -41.30 -43.10 7.27
N VAL A 304 -41.77 -42.21 6.40
CA VAL A 304 -42.36 -40.94 6.79
C VAL A 304 -43.63 -40.72 5.93
N GLU A 305 -44.68 -40.18 6.56
CA GLU A 305 -45.90 -39.84 5.85
C GLU A 305 -45.73 -38.51 5.13
N ILE A 306 -46.18 -38.46 3.88
CA ILE A 306 -46.23 -37.23 3.09
C ILE A 306 -47.72 -36.87 2.96
N GLU A 307 -48.13 -35.84 3.70
CA GLU A 307 -49.54 -35.41 3.74
C GLU A 307 -50.04 -34.79 2.44
N LYS A 308 -49.20 -33.99 1.80
CA LYS A 308 -49.52 -33.38 0.52
C LYS A 308 -49.00 -34.30 -0.59
N GLY A 309 -49.92 -35.03 -1.22
CA GLY A 309 -49.58 -36.07 -2.19
C GLY A 309 -48.55 -35.66 -3.23
N LEU A 310 -47.58 -36.55 -3.48
CA LEU A 310 -46.63 -36.36 -4.56
C LEU A 310 -47.26 -36.74 -5.90
N ASP A 311 -46.63 -36.27 -6.98
CA ASP A 311 -47.14 -36.45 -8.33
C ASP A 311 -46.43 -37.62 -9.01
N ILE A 312 -46.83 -38.82 -8.63
CA ILE A 312 -46.29 -40.06 -9.20
C ILE A 312 -47.36 -41.15 -9.21
N GLU A 313 -47.42 -41.91 -10.29
CA GLU A 313 -48.36 -43.02 -10.46
C GLU A 313 -47.74 -44.33 -10.00
N LYS A 314 -46.48 -44.55 -10.39
CA LYS A 314 -45.68 -45.70 -9.96
C LYS A 314 -44.53 -45.19 -9.06
N ALA A 315 -44.22 -45.94 -8.02
CA ALA A 315 -43.25 -45.54 -7.00
C ALA A 315 -41.86 -45.30 -7.58
N PHE A 316 -41.25 -44.17 -7.21
CA PHE A 316 -39.94 -43.77 -7.72
C PHE A 316 -38.85 -44.30 -6.78
N HIS A 317 -37.86 -44.96 -7.35
CA HIS A 317 -36.72 -45.51 -6.60
C HIS A 317 -35.46 -44.72 -6.93
N LEU A 318 -34.66 -44.46 -5.91
CA LEU A 318 -33.42 -43.71 -6.07
C LEU A 318 -32.40 -44.15 -5.02
N GLY A 319 -31.23 -44.59 -5.48
CA GLY A 319 -30.11 -44.88 -4.58
C GLY A 319 -29.31 -43.60 -4.35
N VAL A 320 -29.00 -43.31 -3.08
CA VAL A 320 -28.24 -42.11 -2.71
C VAL A 320 -27.10 -42.41 -1.75
N ASN A 321 -26.09 -41.55 -1.78
CA ASN A 321 -25.06 -41.52 -0.74
C ASN A 321 -25.65 -40.74 0.43
N ALA A 322 -25.68 -41.36 1.61
CA ALA A 322 -26.32 -40.79 2.79
C ALA A 322 -25.71 -39.47 3.22
N LYS A 323 -24.38 -39.47 3.34
CA LYS A 323 -23.60 -38.33 3.80
C LYS A 323 -23.71 -37.13 2.87
N PHE A 324 -23.60 -37.38 1.56
CA PHE A 324 -23.71 -36.33 0.55
C PHE A 324 -25.11 -35.72 0.54
N PHE A 325 -26.12 -36.57 0.70
CA PHE A 325 -27.52 -36.11 0.78
C PHE A 325 -27.74 -35.24 2.03
N LEU A 326 -27.21 -35.69 3.17
CA LEU A 326 -27.31 -34.93 4.43
C LEU A 326 -26.67 -33.56 4.35
N GLU A 327 -25.43 -33.51 3.84
CA GLU A 327 -24.70 -32.25 3.72
C GLU A 327 -25.40 -31.28 2.76
N ALA A 328 -26.00 -31.82 1.70
CA ALA A 328 -26.81 -30.98 0.81
C ALA A 328 -28.06 -30.42 1.52
N LEU A 329 -28.70 -31.22 2.36
CA LEU A 329 -29.81 -30.72 3.20
C LEU A 329 -29.32 -29.72 4.25
N ASN A 330 -28.15 -29.99 4.85
CA ASN A 330 -27.54 -29.06 5.81
C ASN A 330 -27.24 -27.67 5.26
N ALA A 331 -26.98 -27.59 3.96
CA ALA A 331 -26.76 -26.32 3.27
C ALA A 331 -28.04 -25.51 2.95
N LEU A 332 -29.22 -26.06 3.24
CA LEU A 332 -30.52 -25.40 2.97
C LEU A 332 -31.05 -24.62 4.17
N GLY A 333 -31.56 -23.42 3.92
CA GLY A 333 -32.16 -22.57 4.94
C GLY A 333 -33.67 -22.73 5.14
N THR A 334 -34.33 -23.45 4.25
CA THR A 334 -35.78 -23.68 4.31
C THR A 334 -36.14 -24.97 5.01
N THR A 335 -37.37 -25.05 5.51
CA THR A 335 -37.90 -26.19 6.25
C THR A 335 -38.33 -27.35 5.35
N GLN A 336 -38.63 -27.03 4.09
CA GLN A 336 -38.88 -28.03 3.05
C GLN A 336 -37.79 -27.92 2.00
N PHE A 337 -37.68 -28.95 1.15
CA PHE A 337 -36.69 -28.95 0.06
C PHE A 337 -37.25 -29.55 -1.21
N VAL A 338 -36.77 -29.05 -2.34
CA VAL A 338 -37.15 -29.58 -3.64
C VAL A 338 -36.08 -30.58 -4.07
N LEU A 339 -36.51 -31.81 -4.33
CA LEU A 339 -35.68 -32.84 -4.95
C LEU A 339 -36.13 -32.93 -6.40
N ARG A 340 -35.20 -32.69 -7.33
CA ARG A 340 -35.48 -32.80 -8.76
C ARG A 340 -34.73 -33.96 -9.39
N CYS A 341 -35.43 -34.82 -10.13
CA CYS A 341 -34.86 -36.04 -10.72
C CYS A 341 -35.20 -36.21 -12.19
N ASN A 342 -34.33 -36.93 -12.90
CA ASN A 342 -34.64 -37.58 -14.16
C ASN A 342 -34.68 -39.09 -13.88
N GLU A 343 -33.98 -39.94 -14.65
CA GLU A 343 -33.92 -41.37 -14.35
C GLU A 343 -33.17 -41.63 -13.03
N PRO A 344 -33.42 -42.77 -12.38
CA PRO A 344 -32.67 -43.17 -11.17
C PRO A 344 -31.14 -43.23 -11.30
N SER A 345 -30.62 -43.44 -12.51
CA SER A 345 -29.17 -43.42 -12.77
C SER A 345 -28.62 -42.07 -13.28
N SER A 346 -29.49 -41.06 -13.38
CA SER A 346 -29.09 -39.71 -13.81
C SER A 346 -28.81 -38.83 -12.59
N PRO A 347 -27.99 -37.78 -12.75
CA PRO A 347 -27.78 -36.84 -11.65
C PRO A 347 -29.07 -36.19 -11.17
N PHE A 348 -29.20 -35.97 -9.86
CA PHE A 348 -30.37 -35.31 -9.28
C PHE A 348 -29.96 -34.06 -8.51
N LEU A 349 -30.92 -33.16 -8.33
CA LEU A 349 -30.68 -31.85 -7.72
C LEU A 349 -31.46 -31.69 -6.42
N ILE A 350 -30.83 -31.06 -5.44
CA ILE A 350 -31.49 -30.65 -4.20
C ILE A 350 -31.37 -29.13 -4.10
N GLN A 351 -32.48 -28.48 -3.77
CA GLN A 351 -32.49 -27.04 -3.52
C GLN A 351 -33.61 -26.62 -2.59
N GLU A 352 -33.54 -25.37 -2.12
CA GLU A 352 -34.56 -24.83 -1.22
C GLU A 352 -35.92 -24.75 -1.91
N SER A 353 -36.97 -24.76 -1.11
CA SER A 353 -38.31 -24.47 -1.59
C SER A 353 -38.45 -22.95 -1.79
N LEU A 354 -39.12 -22.56 -2.89
CA LEU A 354 -39.25 -21.15 -3.30
C LEU A 354 -37.90 -20.46 -3.62
N ASP A 355 -37.19 -21.01 -4.59
CA ASP A 355 -36.00 -20.38 -5.16
C ASP A 355 -36.31 -19.93 -6.58
N HIS A 360 -30.99 -11.15 0.33
CA HIS A 360 -30.40 -9.98 0.97
C HIS A 360 -29.25 -10.37 1.90
N LEU A 361 -29.55 -11.27 2.84
CA LEU A 361 -28.64 -11.62 3.94
C LEU A 361 -28.11 -13.07 3.96
N ASN A 362 -28.73 -13.98 3.18
CA ASN A 362 -28.29 -15.37 3.08
C ASN A 362 -28.25 -15.86 1.62
N ALA A 363 -27.24 -16.67 1.31
CA ALA A 363 -27.12 -17.30 -0.01
C ALA A 363 -27.98 -18.55 -0.08
N LYS A 364 -28.43 -18.89 -1.30
CA LYS A 364 -29.22 -20.10 -1.54
C LYS A 364 -28.37 -21.11 -2.32
N ILE A 365 -28.02 -22.21 -1.65
CA ILE A 365 -27.12 -23.22 -2.21
C ILE A 365 -27.93 -24.39 -2.75
N SER A 366 -27.77 -24.66 -4.05
CA SER A 366 -28.29 -25.87 -4.68
C SER A 366 -27.16 -26.89 -4.81
N THR A 367 -27.51 -28.17 -4.75
CA THR A 367 -26.52 -29.26 -4.85
C THR A 367 -26.98 -30.32 -5.86
N LEU A 368 -26.14 -30.57 -6.87
CA LEU A 368 -26.36 -31.62 -7.88
C LEU A 368 -25.53 -32.85 -7.51
N MET A 369 -26.12 -34.03 -7.62
CA MET A 369 -25.56 -35.25 -7.03
C MET A 369 -25.70 -36.46 -7.95
N MET A 370 -24.61 -37.20 -8.14
CA MET A 370 -24.65 -38.50 -8.80
C MET A 370 -25.35 -39.49 -7.87
N PRO A 371 -26.29 -40.31 -8.39
CA PRO A 371 -26.93 -41.32 -7.56
C PRO A 371 -26.12 -42.61 -7.50
N ILE A 372 -26.55 -43.51 -6.62
CA ILE A 372 -25.98 -44.86 -6.51
C ILE A 372 -26.88 -45.80 -7.30
N THR A 373 -26.29 -46.78 -7.97
CA THR A 373 -27.07 -47.74 -8.80
C THR A 373 -27.87 -48.70 -7.91
N LEU A 374 -29.17 -48.82 -8.21
CA LEU A 374 -30.13 -49.65 -7.45
C LEU A 374 -30.30 -49.17 -6.01
N MET B 1 -12.64 1.01 -20.63
CA MET B 1 -12.54 2.30 -19.89
C MET B 1 -13.47 3.36 -20.48
N LYS B 2 -14.21 4.05 -19.60
CA LYS B 2 -15.08 5.17 -20.01
C LYS B 2 -15.39 6.08 -18.82
N ILE B 3 -15.00 7.35 -18.94
CA ILE B 3 -15.17 8.33 -17.86
C ILE B 3 -15.40 9.74 -18.39
N SER B 4 -15.81 10.62 -17.48
CA SER B 4 -15.84 12.06 -17.71
C SER B 4 -15.04 12.73 -16.60
N VAL B 5 -14.25 13.75 -16.94
CA VAL B 5 -13.42 14.49 -15.99
C VAL B 5 -13.46 15.99 -16.28
N SER B 6 -13.06 16.78 -15.28
CA SER B 6 -12.91 18.23 -15.45
C SER B 6 -11.66 18.52 -16.24
N LYS B 7 -11.76 19.42 -17.22
CA LYS B 7 -10.63 19.82 -18.06
C LYS B 7 -9.47 20.37 -17.25
N ASN B 8 -9.78 21.29 -16.32
CA ASN B 8 -8.77 21.89 -15.44
C ASN B 8 -8.07 20.89 -14.55
N ASP B 9 -8.83 19.99 -13.93
CA ASP B 9 -8.26 18.89 -13.15
C ASP B 9 -7.29 18.09 -13.99
N LEU B 10 -7.71 17.69 -15.20
CA LEU B 10 -6.93 16.83 -16.07
C LEU B 10 -5.69 17.54 -16.60
N GLU B 11 -5.84 18.79 -17.05
CA GLU B 11 -4.70 19.56 -17.57
C GLU B 11 -3.60 19.72 -16.53
N ASN B 12 -3.99 20.10 -15.31
CA ASN B 12 -3.03 20.27 -14.21
C ASN B 12 -2.26 18.99 -13.87
N ALA B 13 -2.98 17.86 -13.78
CA ALA B 13 -2.32 16.57 -13.55
C ALA B 13 -1.33 16.23 -14.69
N LEU B 14 -1.73 16.52 -15.92
CA LEU B 14 -0.87 16.25 -17.08
C LEU B 14 0.40 17.11 -17.15
N ARG B 15 0.33 18.35 -16.69
CA ARG B 15 1.50 19.25 -16.67
C ARG B 15 2.60 18.72 -15.77
N TYR B 16 2.23 18.35 -14.54
CA TYR B 16 3.16 17.77 -13.57
C TYR B 16 3.84 16.50 -14.09
N LEU B 17 3.08 15.66 -14.79
CA LEU B 17 3.60 14.38 -15.29
C LEU B 17 4.59 14.49 -16.44
N GLN B 18 4.67 15.64 -17.10
CA GLN B 18 5.55 15.81 -18.28
C GLN B 18 7.01 15.50 -17.98
N ALA B 19 7.51 15.97 -16.83
CA ALA B 19 8.93 15.80 -16.47
C ALA B 19 9.37 14.35 -16.22
N PHE B 20 8.42 13.43 -16.10
CA PHE B 20 8.71 12.02 -15.87
C PHE B 20 8.60 11.18 -17.15
N LEU B 21 8.52 11.84 -18.31
CA LEU B 21 8.36 11.18 -19.61
C LEU B 21 9.58 11.45 -20.47
N ASP B 22 10.02 10.41 -21.19
CA ASP B 22 10.96 10.57 -22.30
C ASP B 22 10.12 10.82 -23.55
N LYS B 23 10.05 12.10 -23.95
CA LYS B 23 9.10 12.56 -24.97
C LYS B 23 9.59 12.51 -26.42
N LYS B 24 10.89 12.26 -26.64
CA LYS B 24 11.47 12.38 -27.99
C LYS B 24 11.12 11.22 -28.90
N ASP B 25 11.15 10.00 -28.36
CA ASP B 25 10.65 8.82 -29.07
C ASP B 25 9.20 8.56 -28.67
N ALA B 26 8.29 9.01 -29.52
CA ALA B 26 6.85 8.86 -29.29
C ALA B 26 6.36 7.42 -29.42
N SER B 27 7.12 6.57 -30.13
CA SER B 27 6.79 5.15 -30.30
C SER B 27 7.18 4.26 -29.12
N SER B 28 7.95 4.78 -28.17
CA SER B 28 8.36 4.06 -26.96
C SER B 28 7.37 4.29 -25.82
N ILE B 29 7.13 3.26 -25.01
CA ILE B 29 6.23 3.38 -23.86
C ILE B 29 6.72 4.37 -22.80
N ALA B 30 8.02 4.65 -22.80
CA ALA B 30 8.59 5.70 -21.95
C ALA B 30 8.03 7.10 -22.23
N SER B 31 7.43 7.33 -23.40
CA SER B 31 6.69 8.57 -23.69
C SER B 31 5.22 8.56 -23.24
N HIS B 32 4.74 7.45 -22.70
CA HIS B 32 3.32 7.32 -22.35
C HIS B 32 3.08 7.49 -20.86
N ILE B 33 1.84 7.87 -20.54
CA ILE B 33 1.31 7.89 -19.18
C ILE B 33 0.41 6.66 -19.04
N HIS B 34 0.59 5.90 -17.97
CA HIS B 34 -0.31 4.80 -17.61
C HIS B 34 -1.59 5.38 -17.03
N LEU B 35 -2.72 4.86 -17.46
CA LEU B 35 -4.04 5.31 -17.02
C LEU B 35 -4.78 4.15 -16.35
N GLU B 36 -5.44 4.43 -15.23
CA GLU B 36 -6.31 3.44 -14.57
C GLU B 36 -7.53 4.10 -13.93
N VAL B 37 -8.71 3.60 -14.28
CA VAL B 37 -9.95 4.03 -13.63
C VAL B 37 -10.33 2.96 -12.62
N ILE B 38 -10.41 3.36 -11.35
CA ILE B 38 -10.87 2.48 -10.27
C ILE B 38 -11.82 3.30 -9.39
N LYS B 39 -13.06 2.82 -9.28
CA LYS B 39 -14.15 3.51 -8.59
C LYS B 39 -14.38 4.92 -9.17
N GLU B 40 -14.27 5.97 -8.36
CA GLU B 40 -14.59 7.33 -8.81
C GLU B 40 -13.32 8.17 -9.12
N LYS B 41 -12.19 7.51 -9.35
CA LYS B 41 -10.91 8.19 -9.57
C LYS B 41 -10.25 7.73 -10.87
N LEU B 42 -9.56 8.67 -11.52
CA LEU B 42 -8.65 8.37 -12.62
C LEU B 42 -7.25 8.51 -12.05
N PHE B 43 -6.46 7.45 -12.15
CA PHE B 43 -5.05 7.49 -11.77
C PHE B 43 -4.20 7.68 -13.01
N LEU B 44 -3.23 8.58 -12.94
CA LEU B 44 -2.27 8.83 -14.01
C LEU B 44 -0.87 8.69 -13.41
N LYS B 45 -0.02 7.90 -14.05
CA LYS B 45 1.33 7.69 -13.54
C LYS B 45 2.36 7.62 -14.67
N ALA B 46 3.52 8.20 -14.41
CA ALA B 46 4.69 8.12 -15.28
C ALA B 46 5.91 7.87 -14.38
N SER B 47 6.69 6.84 -14.69
CA SER B 47 7.79 6.43 -13.82
C SER B 47 8.80 5.54 -14.53
N ASP B 48 9.90 5.27 -13.84
CA ASP B 48 10.84 4.21 -14.22
C ASP B 48 11.44 3.62 -12.93
N SER B 49 12.63 3.04 -12.97
CA SER B 49 13.25 2.47 -11.75
C SER B 49 13.76 3.50 -10.74
N ASP B 50 14.13 4.71 -11.20
CA ASP B 50 14.81 5.72 -10.36
C ASP B 50 13.90 6.80 -9.77
N ILE B 51 12.86 7.18 -10.51
CA ILE B 51 12.01 8.31 -10.16
C ILE B 51 10.64 8.17 -10.82
N GLY B 52 9.61 8.71 -10.18
CA GLY B 52 8.25 8.61 -10.72
C GLY B 52 7.18 9.38 -9.96
N LEU B 53 6.05 9.57 -10.64
CA LEU B 53 4.87 10.23 -10.07
C LEU B 53 3.62 9.41 -10.37
N LYS B 54 2.75 9.30 -9.36
CA LYS B 54 1.40 8.78 -9.52
C LYS B 54 0.46 9.87 -9.00
N SER B 55 -0.39 10.39 -9.89
CA SER B 55 -1.40 11.39 -9.54
C SER B 55 -2.77 10.78 -9.69
N TYR B 56 -3.77 11.42 -9.11
CA TYR B 56 -5.17 11.09 -9.41
C TYR B 56 -6.05 12.32 -9.45
N ILE B 57 -7.15 12.20 -10.20
CA ILE B 57 -8.24 13.17 -10.20
C ILE B 57 -9.58 12.46 -10.06
N PHE B 58 -10.56 13.12 -9.44
CA PHE B 58 -11.92 12.59 -9.34
C PHE B 58 -12.63 12.63 -10.68
N THR B 59 -13.34 11.55 -11.01
CA THR B 59 -14.23 11.55 -12.18
C THR B 59 -15.52 12.29 -11.86
N GLN B 60 -16.10 12.92 -12.89
CA GLN B 60 -17.42 13.56 -12.79
C GLN B 60 -18.51 12.51 -13.06
N SER B 61 -18.25 11.62 -14.02
CA SER B 61 -19.07 10.42 -14.24
C SER B 61 -18.14 9.25 -14.54
N SER B 62 -18.60 8.04 -14.22
CA SER B 62 -17.80 6.82 -14.42
C SER B 62 -18.70 5.70 -14.97
N ASP B 63 -18.32 5.13 -16.11
CA ASP B 63 -19.11 4.09 -16.80
C ASP B 63 -18.37 2.75 -16.95
N LYS B 64 -17.10 2.79 -17.34
CA LYS B 64 -16.27 1.57 -17.42
C LYS B 64 -14.95 1.77 -16.70
N GLU B 65 -14.57 0.76 -15.91
CA GLU B 65 -13.30 0.75 -15.20
C GLU B 65 -12.33 -0.15 -15.95
N GLY B 66 -11.06 0.25 -15.95
CA GLY B 66 -10.03 -0.49 -16.66
C GLY B 66 -8.73 0.28 -16.76
N VAL B 67 -7.83 -0.25 -17.56
CA VAL B 67 -6.47 0.28 -17.70
C VAL B 67 -6.17 0.63 -19.15
N GLY B 68 -5.16 1.46 -19.32
CA GLY B 68 -4.76 1.95 -20.64
C GLY B 68 -3.50 2.81 -20.55
N THR B 69 -3.03 3.25 -21.71
CA THR B 69 -1.88 4.17 -21.80
C THR B 69 -2.14 5.20 -22.90
N ILE B 70 -1.37 6.28 -22.87
CA ILE B 70 -1.47 7.34 -23.89
C ILE B 70 -0.21 8.21 -23.88
N ASN B 71 0.21 8.65 -25.07
CA ASN B 71 1.34 9.57 -25.19
C ASN B 71 1.06 10.85 -24.42
N GLY B 72 1.86 11.08 -23.38
CA GLY B 72 1.63 12.16 -22.43
C GLY B 72 1.74 13.56 -23.00
N LYS B 73 2.70 13.78 -23.90
CA LYS B 73 2.89 15.10 -24.53
C LYS B 73 1.71 15.47 -25.43
N LYS B 74 1.31 14.54 -26.30
CA LYS B 74 0.15 14.74 -27.17
C LYS B 74 -1.14 14.91 -26.36
N PHE B 75 -1.24 14.21 -25.24
CA PHE B 75 -2.43 14.27 -24.38
C PHE B 75 -2.57 15.66 -23.76
N LEU B 76 -1.46 16.22 -23.24
CA LEU B 76 -1.46 17.59 -22.70
C LEU B 76 -1.73 18.64 -23.78
N ASP B 77 -1.10 18.50 -24.94
CA ASP B 77 -1.32 19.43 -26.06
C ASP B 77 -2.79 19.51 -26.48
N ILE B 78 -3.44 18.35 -26.58
CA ILE B 78 -4.87 18.28 -26.91
C ILE B 78 -5.73 18.98 -25.85
N ILE B 79 -5.57 18.61 -24.57
CA ILE B 79 -6.43 19.14 -23.51
C ILE B 79 -6.28 20.65 -23.35
N SER B 80 -5.06 21.17 -23.50
CA SER B 80 -4.81 22.62 -23.42
C SER B 80 -5.47 23.45 -24.54
N CYS B 81 -5.87 22.78 -25.63
CA CYS B 81 -6.63 23.41 -26.72
C CYS B 81 -8.16 23.36 -26.55
N LEU B 82 -8.66 22.82 -25.44
CA LEU B 82 -10.09 22.66 -25.22
C LEU B 82 -10.66 23.69 -24.24
N LYS B 83 -11.99 23.83 -24.27
CA LYS B 83 -12.73 24.72 -23.36
C LYS B 83 -12.75 24.17 -21.93
N ASP B 84 -13.22 24.98 -20.99
CA ASP B 84 -13.22 24.62 -19.55
C ASP B 84 -14.47 23.86 -19.11
N SER B 85 -14.91 22.90 -19.94
CA SER B 85 -16.05 22.04 -19.66
C SER B 85 -15.59 20.60 -19.70
N ASN B 86 -16.41 19.70 -19.14
CA ASN B 86 -16.01 18.30 -18.95
C ASN B 86 -15.58 17.60 -20.23
N ILE B 87 -14.65 16.65 -20.07
CA ILE B 87 -14.10 15.89 -21.19
C ILE B 87 -14.45 14.43 -21.00
N ILE B 88 -14.90 13.80 -22.09
CA ILE B 88 -15.22 12.38 -22.10
C ILE B 88 -14.01 11.62 -22.61
N LEU B 89 -13.49 10.70 -21.79
CA LEU B 89 -12.42 9.78 -22.19
C LEU B 89 -12.98 8.37 -22.30
N GLU B 90 -12.75 7.72 -23.44
CA GLU B 90 -13.33 6.40 -23.71
C GLU B 90 -12.44 5.56 -24.61
N THR B 91 -12.15 4.33 -24.19
CA THR B 91 -11.33 3.41 -24.98
C THR B 91 -12.12 2.78 -26.12
N LYS B 92 -11.40 2.37 -27.16
CA LYS B 92 -11.95 1.72 -28.35
C LYS B 92 -10.92 0.72 -28.90
N ASP B 93 -10.64 -0.34 -28.14
CA ASP B 93 -9.61 -1.33 -28.49
C ASP B 93 -8.24 -0.69 -28.77
N ASP B 94 -7.40 -0.62 -27.74
CA ASP B 94 -6.06 0.01 -27.80
C ASP B 94 -6.01 1.36 -28.55
N SER B 95 -7.01 2.19 -28.26
CA SER B 95 -7.07 3.58 -28.71
C SER B 95 -7.94 4.36 -27.72
N LEU B 96 -7.46 5.53 -27.27
CA LEU B 96 -8.25 6.40 -26.38
C LEU B 96 -8.92 7.51 -27.18
N ALA B 97 -10.25 7.56 -27.11
CA ALA B 97 -11.01 8.67 -27.70
C ALA B 97 -11.21 9.75 -26.66
N ILE B 98 -11.01 11.00 -27.07
CA ILE B 98 -11.17 12.17 -26.20
C ILE B 98 -12.22 13.07 -26.85
N LYS B 99 -13.26 13.42 -26.09
CA LYS B 99 -14.45 14.08 -26.63
C LYS B 99 -14.87 15.26 -25.78
N GLN B 100 -15.04 16.41 -26.43
CA GLN B 100 -15.62 17.60 -25.79
C GLN B 100 -16.47 18.32 -26.83
N ASN B 101 -17.80 18.16 -26.71
CA ASN B 101 -18.77 18.77 -27.61
C ASN B 101 -18.51 18.38 -29.08
N LYS B 102 -18.16 19.34 -29.94
CA LYS B 102 -17.95 19.07 -31.36
C LYS B 102 -16.50 18.63 -31.69
N SER B 103 -15.63 18.55 -30.68
CA SER B 103 -14.25 18.15 -30.88
C SER B 103 -14.04 16.70 -30.46
N SER B 104 -13.30 15.96 -31.29
CA SER B 104 -12.97 14.57 -30.97
C SER B 104 -11.57 14.22 -31.44
N PHE B 105 -10.91 13.35 -30.67
CA PHE B 105 -9.53 12.95 -30.91
C PHE B 105 -9.39 11.46 -30.66
N LYS B 106 -8.53 10.81 -31.45
CA LYS B 106 -8.09 9.45 -31.18
C LYS B 106 -6.58 9.48 -30.98
N LEU B 107 -6.12 8.77 -29.96
CA LEU B 107 -4.69 8.49 -29.79
C LEU B 107 -4.52 6.99 -29.48
N PRO B 108 -3.42 6.38 -29.97
CA PRO B 108 -3.19 4.96 -29.74
C PRO B 108 -2.66 4.67 -28.33
N MET B 109 -3.09 3.54 -27.78
CA MET B 109 -2.62 3.06 -26.49
C MET B 109 -1.63 1.92 -26.71
N PHE B 110 -0.74 1.73 -25.73
CA PHE B 110 0.19 0.60 -25.75
C PHE B 110 -0.25 -0.44 -24.72
N ASP B 111 0.49 -1.53 -24.64
CA ASP B 111 0.22 -2.55 -23.62
C ASP B 111 0.56 -1.96 -22.24
N ALA B 112 -0.43 -1.97 -21.36
CA ALA B 112 -0.29 -1.42 -20.00
C ALA B 112 0.57 -2.30 -19.08
N ASP B 113 0.74 -3.58 -19.42
CA ASP B 113 1.63 -4.47 -18.68
C ASP B 113 3.11 -4.17 -18.93
N GLU B 114 3.42 -3.45 -20.01
CA GLU B 114 4.79 -3.02 -20.31
C GLU B 114 5.25 -1.89 -19.37
N PHE B 115 4.30 -1.21 -18.72
CA PHE B 115 4.63 -0.25 -17.66
C PHE B 115 5.25 -0.90 -16.43
N PRO B 116 6.29 -0.25 -15.84
CA PRO B 116 6.88 -0.82 -14.63
C PRO B 116 5.98 -0.67 -13.41
N GLU B 117 6.18 -1.54 -12.43
CA GLU B 117 5.43 -1.49 -11.18
C GLU B 117 5.80 -0.20 -10.42
N PHE B 118 4.79 0.47 -9.87
CA PHE B 118 5.04 1.60 -8.97
C PHE B 118 5.47 1.00 -7.64
N PRO B 119 6.64 1.42 -7.10
CA PRO B 119 7.15 0.73 -5.93
C PRO B 119 6.41 1.07 -4.63
N VAL B 120 6.49 0.18 -3.65
CA VAL B 120 5.93 0.42 -2.32
C VAL B 120 6.97 -0.05 -1.30
N ILE B 121 7.12 0.72 -0.22
CA ILE B 121 8.17 0.50 0.77
C ILE B 121 7.61 0.15 2.14
N ASP B 122 8.44 -0.52 2.94
CA ASP B 122 8.22 -0.67 4.36
C ASP B 122 9.11 0.39 5.02
N PRO B 123 8.52 1.50 5.52
CA PRO B 123 9.36 2.62 5.97
C PRO B 123 10.19 2.33 7.23
N LYS B 124 11.47 2.74 7.19
CA LYS B 124 12.30 2.80 8.38
C LYS B 124 12.17 4.16 9.06
N VAL B 125 11.81 5.19 8.29
CA VAL B 125 11.66 6.54 8.81
C VAL B 125 10.45 7.21 8.14
N SER B 126 9.71 8.00 8.91
CA SER B 126 8.57 8.74 8.39
C SER B 126 8.30 10.01 9.18
N ILE B 127 7.92 11.06 8.46
CA ILE B 127 7.45 12.29 9.07
C ILE B 127 6.19 12.77 8.36
N GLU B 128 5.44 13.62 9.05
CA GLU B 128 4.38 14.40 8.45
C GLU B 128 4.89 15.84 8.43
N VAL B 129 4.66 16.51 7.31
CA VAL B 129 5.11 17.88 7.11
C VAL B 129 3.87 18.75 6.92
N ASN B 130 3.52 19.50 7.96
CA ASN B 130 2.35 20.38 7.95
C ASN B 130 2.66 21.86 7.78
N ALA B 131 3.92 22.18 7.51
CA ALA B 131 4.35 23.57 7.30
C ALA B 131 5.38 23.69 6.15
N PRO B 132 5.60 24.92 5.63
CA PRO B 132 6.50 25.09 4.49
C PRO B 132 8.02 24.95 4.76
N PHE B 133 8.42 24.83 6.03
CA PHE B 133 9.84 24.86 6.42
C PHE B 133 10.79 23.92 5.64
N LEU B 134 10.34 22.71 5.33
CA LEU B 134 11.21 21.72 4.67
C LEU B 134 11.45 22.04 3.20
N VAL B 135 10.38 22.33 2.46
CA VAL B 135 10.52 22.77 1.07
C VAL B 135 11.24 24.13 0.94
N ASP B 136 11.07 25.00 1.93
CA ASP B 136 11.81 26.27 2.01
C ASP B 136 13.31 25.98 2.08
N ALA B 137 13.69 25.05 2.96
CA ALA B 137 15.08 24.62 3.10
C ALA B 137 15.61 23.98 1.82
N PHE B 138 14.79 23.14 1.19
CA PHE B 138 15.11 22.55 -0.12
C PHE B 138 15.37 23.61 -1.19
N LYS B 139 14.49 24.61 -1.25
CA LYS B 139 14.60 25.69 -2.23
C LYS B 139 15.85 26.55 -1.99
N LYS B 140 16.09 26.89 -0.72
CA LYS B 140 17.24 27.71 -0.35
C LYS B 140 18.58 26.99 -0.51
N ILE B 141 18.61 25.68 -0.28
CA ILE B 141 19.85 24.91 -0.34
C ILE B 141 20.19 24.45 -1.78
N ALA B 142 19.17 24.16 -2.58
CA ALA B 142 19.38 23.57 -3.93
C ALA B 142 20.49 24.19 -4.79
N PRO B 143 20.56 25.54 -4.90
CA PRO B 143 21.57 26.19 -5.76
C PRO B 143 23.04 25.82 -5.52
N VAL B 144 23.39 25.37 -4.32
CA VAL B 144 24.77 24.94 -4.02
C VAL B 144 25.07 23.48 -4.41
N ILE B 145 24.04 22.71 -4.78
CA ILE B 145 24.22 21.30 -5.08
C ILE B 145 24.53 21.10 -6.57
N GLU B 146 25.66 20.45 -6.85
CA GLU B 146 26.10 20.12 -8.19
C GLU B 146 25.71 18.70 -8.49
N GLN B 147 24.95 18.46 -9.57
CA GLN B 147 24.63 17.09 -9.98
C GLN B 147 25.87 16.34 -10.47
N THR B 148 26.86 17.06 -11.04
CA THR B 148 28.09 16.43 -11.55
C THR B 148 29.26 16.37 -10.55
N SER B 149 29.03 16.58 -9.26
CA SER B 149 30.10 16.55 -8.26
C SER B 149 30.87 15.22 -8.22
N HIS B 150 32.14 15.27 -7.85
CA HIS B 150 32.98 14.07 -7.82
C HIS B 150 32.51 13.07 -6.77
N LYS B 151 32.36 13.54 -5.53
CA LYS B 151 31.88 12.69 -4.45
C LYS B 151 30.42 12.38 -4.70
N ARG B 152 30.13 11.11 -4.96
CA ARG B 152 28.78 10.56 -5.21
C ARG B 152 27.68 11.23 -4.36
N GLU B 153 27.92 11.25 -3.06
CA GLU B 153 26.91 11.70 -2.08
C GLU B 153 26.66 13.22 -2.08
N LEU B 154 27.60 14.02 -2.62
CA LEU B 154 27.41 15.47 -2.73
C LEU B 154 26.53 15.91 -3.92
N ALA B 155 26.20 14.98 -4.82
CA ALA B 155 25.30 15.26 -5.95
C ALA B 155 23.81 15.30 -5.58
N GLY B 156 23.48 15.07 -4.31
CA GLY B 156 22.13 15.22 -3.80
C GLY B 156 22.09 16.01 -2.51
N ILE B 157 20.88 16.17 -1.97
CA ILE B 157 20.68 16.91 -0.71
C ILE B 157 20.58 15.92 0.45
N LEU B 158 21.16 16.28 1.60
CA LEU B 158 21.18 15.40 2.77
C LEU B 158 20.01 15.71 3.69
N MET B 159 19.28 14.67 4.07
CA MET B 159 18.29 14.74 5.15
C MET B 159 18.75 13.80 6.27
N GLN B 160 19.23 14.38 7.37
CA GLN B 160 19.72 13.61 8.51
C GLN B 160 18.72 13.70 9.68
N PHE B 161 18.13 12.56 10.03
CA PHE B 161 17.10 12.49 11.07
C PHE B 161 17.68 12.08 12.41
N ASP B 162 17.49 12.92 13.43
CA ASP B 162 17.79 12.55 14.81
C ASP B 162 16.46 12.45 15.58
N GLN B 163 15.95 11.23 15.72
CA GLN B 163 14.65 11.00 16.37
C GLN B 163 14.72 11.15 17.89
N LYS B 164 15.92 11.00 18.45
CA LYS B 164 16.16 11.25 19.88
C LYS B 164 15.89 12.71 20.23
N HIS B 165 16.57 13.61 19.53
CA HIS B 165 16.44 15.06 19.75
C HIS B 165 15.37 15.74 18.87
N GLN B 166 14.70 14.96 18.02
CA GLN B 166 13.59 15.44 17.17
C GLN B 166 14.04 16.57 16.21
N THR B 167 15.21 16.40 15.61
CA THR B 167 15.73 17.35 14.62
C THR B 167 15.92 16.69 13.27
N LEU B 168 15.55 17.41 12.21
CA LEU B 168 15.86 17.06 10.85
C LEU B 168 16.84 18.09 10.33
N SER B 169 18.06 17.66 10.05
CA SER B 169 19.10 18.53 9.49
C SER B 169 19.09 18.39 7.97
N VAL B 170 19.20 19.53 7.28
CA VAL B 170 19.17 19.56 5.82
C VAL B 170 20.43 20.28 5.36
N VAL B 171 21.22 19.61 4.52
CA VAL B 171 22.57 20.05 4.16
C VAL B 171 22.86 19.83 2.67
N GLY B 172 23.52 20.80 2.05
CA GLY B 172 24.01 20.69 0.68
C GLY B 172 25.37 21.36 0.54
N THR B 173 26.20 20.83 -0.36
CA THR B 173 27.51 21.44 -0.62
C THR B 173 28.11 21.02 -1.97
N ASP B 174 28.99 21.88 -2.48
CA ASP B 174 29.83 21.59 -3.65
C ASP B 174 31.33 21.63 -3.30
N THR B 175 31.64 21.50 -2.00
CA THR B 175 33.00 21.64 -1.43
C THR B 175 33.56 23.07 -1.32
N LYS B 176 32.92 24.04 -1.97
CA LYS B 176 33.34 25.44 -1.93
C LYS B 176 32.39 26.28 -1.06
N ARG B 177 31.10 25.96 -1.10
CA ARG B 177 30.16 26.40 -0.07
C ARG B 177 29.38 25.21 0.49
N LEU B 178 29.05 25.32 1.76
CA LEU B 178 28.19 24.34 2.43
C LEU B 178 27.06 25.09 3.10
N SER B 179 25.83 24.81 2.68
CA SER B 179 24.63 25.42 3.23
C SER B 179 23.86 24.38 4.04
N TYR B 180 23.43 24.78 5.25
CA TYR B 180 22.77 23.85 6.17
C TYR B 180 21.68 24.52 7.00
N THR B 181 20.79 23.69 7.53
CA THR B 181 19.84 24.12 8.55
C THR B 181 19.48 22.94 9.46
N GLN B 182 19.02 23.25 10.67
CA GLN B 182 18.60 22.24 11.63
C GLN B 182 17.18 22.56 12.08
N LEU B 183 16.21 21.81 11.54
CA LEU B 183 14.80 22.05 11.82
C LEU B 183 14.41 21.38 13.14
N GLU B 184 13.75 22.11 14.01
CA GLU B 184 13.52 21.69 15.40
C GLU B 184 12.12 21.15 15.60
N LYS B 185 11.98 20.29 16.62
CA LYS B 185 10.69 19.76 17.07
C LYS B 185 9.91 19.07 15.95
N ILE B 186 10.61 18.21 15.23
CA ILE B 186 10.03 17.46 14.12
C ILE B 186 9.65 16.09 14.68
N SER B 187 8.39 15.71 14.50
CA SER B 187 7.88 14.46 15.03
C SER B 187 8.38 13.32 14.15
N ILE B 188 9.53 12.74 14.54
CA ILE B 188 10.21 11.75 13.72
C ILE B 188 9.88 10.34 14.20
N HIS B 189 9.22 9.58 13.34
CA HIS B 189 8.91 8.17 13.59
C HIS B 189 9.93 7.32 12.88
N SER B 190 10.74 6.61 13.64
CA SER B 190 11.85 5.82 13.09
C SER B 190 12.21 4.62 13.97
N THR B 191 12.65 3.54 13.33
CA THR B 191 13.19 2.37 14.03
C THR B 191 14.65 2.61 14.47
N GLU B 192 15.36 3.51 13.79
CA GLU B 192 16.72 3.90 14.16
C GLU B 192 16.71 5.25 14.90
N GLU B 193 17.72 5.46 15.74
CA GLU B 193 17.95 6.75 16.40
C GLU B 193 18.45 7.82 15.42
N ASP B 194 19.33 7.41 14.50
CA ASP B 194 19.91 8.29 13.50
C ASP B 194 19.90 7.61 12.13
N ILE B 195 19.28 8.26 11.15
CA ILE B 195 19.19 7.74 9.78
C ILE B 195 19.34 8.87 8.76
N SER B 196 20.00 8.57 7.64
CA SER B 196 20.34 9.56 6.63
C SER B 196 19.80 9.15 5.26
N CYS B 197 19.11 10.08 4.61
CA CYS B 197 18.58 9.91 3.25
C CYS B 197 19.16 11.01 2.35
N ILE B 198 19.80 10.61 1.25
CA ILE B 198 20.37 11.55 0.29
C ILE B 198 19.48 11.52 -0.95
N LEU B 199 18.81 12.64 -1.23
CA LEU B 199 17.95 12.75 -2.41
C LEU B 199 18.75 13.34 -3.56
N PRO B 200 18.70 12.72 -4.75
CA PRO B 200 19.41 13.35 -5.88
C PRO B 200 18.82 14.70 -6.27
N LYS B 201 19.66 15.59 -6.77
CA LYS B 201 19.29 16.96 -7.19
C LYS B 201 18.08 16.96 -8.12
N ARG B 202 18.15 16.09 -9.12
CA ARG B 202 17.04 15.86 -10.05
C ARG B 202 15.70 15.69 -9.32
N ALA B 203 15.67 14.81 -8.32
CA ALA B 203 14.48 14.56 -7.52
C ALA B 203 14.10 15.76 -6.64
N LEU B 204 15.11 16.40 -6.06
CA LEU B 204 14.91 17.63 -5.28
C LEU B 204 14.16 18.68 -6.09
N LEU B 205 14.56 18.88 -7.35
CA LEU B 205 13.92 19.89 -8.21
C LEU B 205 12.48 19.55 -8.57
N GLU B 206 12.15 18.25 -8.67
CA GLU B 206 10.77 17.80 -8.89
C GLU B 206 9.91 17.98 -7.63
N ILE B 207 10.49 17.76 -6.45
CA ILE B 207 9.80 17.98 -5.18
C ILE B 207 9.36 19.45 -5.01
N LEU B 208 10.19 20.37 -5.49
CA LEU B 208 9.87 21.80 -5.40
C LEU B 208 8.68 22.18 -6.28
N LYS B 209 8.49 21.47 -7.40
CA LYS B 209 7.32 21.67 -8.27
C LYS B 209 6.02 21.09 -7.70
N LEU B 210 6.13 20.02 -6.91
CA LEU B 210 4.98 19.17 -6.57
C LEU B 210 4.39 19.35 -5.16
N PHE B 211 5.21 19.76 -4.20
CA PHE B 211 4.80 19.79 -2.79
C PHE B 211 5.15 21.13 -2.14
N TYR B 212 4.38 21.46 -1.10
CA TYR B 212 4.60 22.69 -0.34
C TYR B 212 4.45 22.42 1.17
N GLU B 213 3.23 22.10 1.59
CA GLU B 213 2.95 21.66 2.96
C GLU B 213 1.87 20.58 2.91
N ASN B 214 1.63 19.93 4.05
CA ASN B 214 0.65 18.84 4.17
C ASN B 214 0.98 17.64 3.27
N PHE B 215 2.18 17.11 3.45
CA PHE B 215 2.59 15.85 2.83
C PHE B 215 3.38 15.02 3.83
N SER B 216 3.55 13.74 3.49
CA SER B 216 4.35 12.82 4.27
C SER B 216 5.64 12.54 3.53
N PHE B 217 6.71 12.29 4.27
CA PHE B 217 7.97 11.79 3.71
C PHE B 217 8.22 10.46 4.39
N LYS B 218 8.48 9.43 3.58
CA LYS B 218 8.82 8.11 4.09
C LYS B 218 10.01 7.54 3.32
N SER B 219 10.83 6.75 3.99
CA SER B 219 11.96 6.08 3.35
C SER B 219 12.37 4.78 4.06
N ASP B 220 12.87 3.85 3.26
CA ASP B 220 13.34 2.54 3.73
C ASP B 220 14.86 2.41 3.61
N GLY B 221 15.57 3.54 3.53
CA GLY B 221 17.01 3.55 3.29
C GLY B 221 17.45 3.24 1.87
N MET B 222 16.49 3.09 0.95
CA MET B 222 16.75 2.80 -0.46
C MET B 222 15.98 3.76 -1.37
N LEU B 223 14.67 3.86 -1.15
CA LEU B 223 13.80 4.83 -1.84
C LEU B 223 13.26 5.86 -0.86
N ALA B 224 12.97 7.07 -1.36
CA ALA B 224 12.16 8.06 -0.66
C ALA B 224 10.81 8.12 -1.34
N VAL B 225 9.73 8.04 -0.56
CA VAL B 225 8.37 8.20 -1.08
C VAL B 225 7.74 9.41 -0.38
N ILE B 226 7.15 10.31 -1.18
CA ILE B 226 6.50 11.51 -0.68
C ILE B 226 5.08 11.55 -1.21
N GLU B 227 4.12 11.84 -0.32
CA GLU B 227 2.71 11.78 -0.67
C GLU B 227 1.89 12.94 -0.08
N ASN B 228 1.13 13.61 -0.93
CA ASN B 228 0.04 14.50 -0.51
C ASN B 228 -1.30 13.96 -1.03
N GLU B 229 -2.38 14.68 -0.77
CA GLU B 229 -3.73 14.31 -1.26
C GLU B 229 -3.84 13.98 -2.76
N MET B 230 -3.06 14.67 -3.61
CA MET B 230 -3.11 14.51 -5.06
C MET B 230 -2.06 13.53 -5.62
N HIS B 231 -0.83 13.59 -5.08
CA HIS B 231 0.34 12.94 -5.68
C HIS B 231 1.02 11.94 -4.76
N THR B 232 1.57 10.87 -5.35
CA THR B 232 2.57 10.04 -4.70
C THR B 232 3.82 10.10 -5.57
N PHE B 233 4.91 10.63 -5.01
CA PHE B 233 6.19 10.76 -5.70
C PHE B 233 7.17 9.80 -5.07
N PHE B 234 8.08 9.24 -5.86
CA PHE B 234 9.20 8.49 -5.31
C PHE B 234 10.48 8.81 -6.06
N THR B 235 11.60 8.63 -5.36
CA THR B 235 12.94 8.66 -5.97
C THR B 235 13.83 7.64 -5.28
N LYS B 236 14.81 7.12 -6.02
CA LYS B 236 15.90 6.35 -5.43
C LYS B 236 16.85 7.30 -4.70
N LEU B 237 17.35 6.87 -3.55
CA LEU B 237 18.32 7.63 -2.79
C LEU B 237 19.72 7.44 -3.38
N ILE B 238 20.63 8.35 -3.04
CA ILE B 238 22.05 8.19 -3.36
C ILE B 238 22.67 7.39 -2.23
N ASP B 239 23.27 6.25 -2.58
CA ASP B 239 23.98 5.42 -1.60
C ASP B 239 25.27 6.08 -1.14
N GLY B 240 25.56 5.94 0.14
CA GLY B 240 26.85 6.37 0.68
C GLY B 240 26.75 7.11 1.99
N ASN B 241 27.89 7.61 2.43
CA ASN B 241 28.04 8.32 3.69
C ASN B 241 28.36 9.79 3.42
N TYR B 242 27.34 10.64 3.57
CA TYR B 242 27.50 12.08 3.43
C TYR B 242 28.43 12.54 4.55
N PRO B 243 29.45 13.35 4.23
CA PRO B 243 30.42 13.74 5.25
C PRO B 243 29.79 14.52 6.40
N ASP B 244 30.34 14.35 7.61
CA ASP B 244 29.80 15.04 8.79
C ASP B 244 30.07 16.54 8.65
N TYR B 245 29.00 17.30 8.46
CA TYR B 245 29.09 18.74 8.23
C TYR B 245 29.52 19.50 9.49
N GLN B 246 29.17 18.98 10.67
CA GLN B 246 29.50 19.62 11.94
C GLN B 246 30.98 19.57 12.31
N LYS B 247 31.71 18.60 11.76
CA LYS B 247 33.18 18.54 11.89
C LYS B 247 33.92 19.48 10.91
N ILE B 248 33.23 19.92 9.87
CA ILE B 248 33.77 20.88 8.88
C ILE B 248 33.60 22.31 9.40
N LEU B 249 32.44 22.61 9.98
CA LEU B 249 32.16 23.90 10.64
C LEU B 249 33.28 24.23 11.61
N PRO B 250 33.80 25.48 11.57
CA PRO B 250 34.65 25.99 12.64
C PRO B 250 33.97 25.96 14.02
N LYS B 251 34.79 25.89 15.08
CA LYS B 251 34.29 25.84 16.44
C LYS B 251 33.85 27.23 16.87
N GLU B 252 34.78 28.17 16.75
CA GLU B 252 34.60 29.54 17.16
C GLU B 252 34.84 30.45 15.98
N TYR B 253 34.34 31.68 16.10
CA TYR B 253 34.62 32.73 15.14
C TYR B 253 35.19 33.92 15.89
N ILE B 254 36.32 34.43 15.38
CA ILE B 254 37.01 35.59 15.94
C ILE B 254 36.08 36.81 15.90
N SER B 255 35.66 37.17 14.70
CA SER B 255 34.83 38.35 14.47
C SER B 255 33.45 37.94 13.98
N SER B 256 32.44 38.71 14.35
CA SER B 256 31.07 38.53 13.85
C SER B 256 30.46 39.90 13.56
N PHE B 257 30.40 40.23 12.28
CA PHE B 257 29.93 41.54 11.81
C PHE B 257 28.49 41.44 11.37
N THR B 258 27.66 42.38 11.84
CA THR B 258 26.26 42.49 11.42
C THR B 258 26.19 43.53 10.31
N LEU B 259 25.73 43.11 9.13
CA LEU B 259 25.80 43.90 7.90
C LEU B 259 24.48 43.88 7.13
N GLY B 260 24.33 44.85 6.23
CA GLY B 260 23.09 45.03 5.45
C GLY B 260 23.05 44.06 4.28
N LYS B 261 21.96 43.30 4.16
CA LYS B 261 21.84 42.26 3.14
C LYS B 261 21.70 42.85 1.73
N GLU B 262 20.70 43.71 1.55
CA GLU B 262 20.43 44.28 0.22
C GLU B 262 21.55 45.20 -0.23
N GLU B 263 22.12 45.96 0.69
CA GLU B 263 23.29 46.79 0.38
C GLU B 263 24.47 45.96 -0.11
N PHE B 264 24.73 44.83 0.54
CA PHE B 264 25.79 43.91 0.09
C PHE B 264 25.49 43.24 -1.24
N LYS B 265 24.22 42.85 -1.45
CA LYS B 265 23.77 42.33 -2.75
C LYS B 265 24.06 43.32 -3.87
N GLU B 266 23.52 44.53 -3.73
CA GLU B 266 23.70 45.61 -4.71
C GLU B 266 25.16 45.83 -5.08
N SER B 267 25.99 46.02 -4.06
CA SER B 267 27.41 46.32 -4.24
C SER B 267 28.19 45.18 -4.91
N ILE B 268 27.95 43.94 -4.45
CA ILE B 268 28.57 42.76 -5.07
C ILE B 268 28.10 42.55 -6.51
N LYS B 269 26.80 42.64 -6.74
CA LYS B 269 26.20 42.57 -8.10
C LYS B 269 26.87 43.61 -9.01
N LEU B 270 26.96 44.83 -8.51
CA LEU B 270 27.58 45.93 -9.20
C LEU B 270 29.03 45.63 -9.59
N CYS B 271 29.83 45.14 -8.64
CA CYS B 271 31.25 44.84 -8.90
C CYS B 271 31.46 43.58 -9.75
N SER B 272 30.50 42.66 -9.71
CA SER B 272 30.60 41.40 -10.47
C SER B 272 30.30 41.54 -11.96
N SER B 273 29.93 42.74 -12.41
CA SER B 273 29.85 43.03 -13.85
C SER B 273 31.18 42.80 -14.60
N LEU B 274 32.30 42.99 -13.90
CA LEU B 274 33.65 42.83 -14.49
C LEU B 274 34.48 41.65 -13.95
N SER B 275 33.98 40.94 -12.93
CA SER B 275 34.79 39.92 -12.24
C SER B 275 33.97 38.93 -11.41
N SER B 276 34.32 37.65 -11.48
CA SER B 276 33.66 36.61 -10.69
C SER B 276 34.05 36.63 -9.21
N THR B 277 35.23 37.20 -8.90
CA THR B 277 35.69 37.35 -7.52
C THR B 277 35.80 38.84 -7.12
N ILE B 278 35.61 39.10 -5.83
CA ILE B 278 35.57 40.47 -5.29
C ILE B 278 36.46 40.57 -4.05
N LYS B 279 37.10 41.73 -3.88
CA LYS B 279 37.84 42.07 -2.66
C LYS B 279 36.94 42.92 -1.76
N LEU B 280 36.55 42.34 -0.62
CA LEU B 280 35.76 43.03 0.40
C LEU B 280 36.68 43.59 1.45
N THR B 281 36.56 44.89 1.73
CA THR B 281 37.31 45.53 2.81
C THR B 281 36.35 46.13 3.83
N LEU B 282 36.30 45.51 5.00
CA LEU B 282 35.46 46.00 6.10
C LEU B 282 36.31 46.86 7.01
N GLU B 283 35.86 48.10 7.21
CA GLU B 283 36.45 49.05 8.16
C GLU B 283 35.42 49.28 9.27
N LYS B 284 35.76 50.14 10.23
CA LYS B 284 34.86 50.42 11.37
C LYS B 284 33.46 50.92 10.93
N ASN B 285 33.42 51.90 10.03
CA ASN B 285 32.15 52.47 9.52
C ASN B 285 31.95 52.38 7.99
N ASN B 286 32.70 51.50 7.31
CA ASN B 286 32.54 51.33 5.86
C ASN B 286 32.76 49.89 5.40
N ALA B 287 32.14 49.57 4.28
CA ALA B 287 32.40 48.34 3.55
C ALA B 287 32.78 48.75 2.14
N LEU B 288 34.00 48.45 1.72
CA LEU B 288 34.47 48.72 0.36
C LEU B 288 34.46 47.42 -0.46
N PHE B 289 34.13 47.54 -1.74
CA PHE B 289 34.04 46.39 -2.65
C PHE B 289 34.85 46.73 -3.90
N GLU B 290 35.63 45.77 -4.39
CA GLU B 290 36.41 45.95 -5.63
C GLU B 290 36.43 44.68 -6.48
N SER B 291 36.35 44.84 -7.79
CA SER B 291 36.55 43.72 -8.71
C SER B 291 38.01 43.25 -8.61
N LEU B 292 38.20 41.93 -8.53
CA LEU B 292 39.50 41.34 -8.20
C LEU B 292 40.12 40.62 -9.40
N ASP B 293 39.48 39.56 -9.87
CA ASP B 293 40.00 38.77 -11.02
C ASP B 293 39.48 39.26 -12.39
N SER B 294 39.21 40.57 -12.50
CA SER B 294 38.88 41.18 -13.79
C SER B 294 40.10 41.17 -14.70
N GLU B 295 39.84 41.28 -16.00
CA GLU B 295 40.92 41.47 -16.96
C GLU B 295 41.58 42.81 -16.68
N HIS B 296 42.88 42.89 -16.97
CA HIS B 296 43.69 44.04 -16.58
C HIS B 296 43.22 45.26 -17.38
N SER B 297 43.23 46.43 -16.73
CA SER B 297 42.66 47.69 -17.25
C SER B 297 41.19 47.93 -16.84
N GLU B 298 40.47 46.88 -16.43
CA GLU B 298 39.08 47.02 -15.96
C GLU B 298 39.03 47.08 -14.44
N THR B 299 38.33 48.08 -13.91
CA THR B 299 38.11 48.21 -12.47
C THR B 299 36.66 48.56 -12.19
N ALA B 300 36.17 48.08 -11.06
CA ALA B 300 34.84 48.44 -10.54
C ALA B 300 34.97 48.51 -9.03
N LYS B 301 34.63 49.67 -8.46
CA LYS B 301 34.74 49.92 -7.04
C LYS B 301 33.45 50.53 -6.52
N THR B 302 33.04 50.14 -5.32
CA THR B 302 32.02 50.88 -4.59
C THR B 302 32.21 50.70 -3.09
N SER B 303 31.51 51.53 -2.34
CA SER B 303 31.48 51.44 -0.89
C SER B 303 30.08 51.74 -0.36
N VAL B 304 29.90 51.46 0.92
CA VAL B 304 28.65 51.63 1.63
C VAL B 304 29.00 52.01 3.07
N GLU B 305 28.24 52.93 3.65
CA GLU B 305 28.45 53.34 5.03
C GLU B 305 27.79 52.34 5.99
N ILE B 306 28.51 51.99 7.05
CA ILE B 306 27.98 51.23 8.18
C ILE B 306 27.85 52.21 9.34
N GLU B 307 26.60 52.51 9.74
CA GLU B 307 26.35 53.45 10.83
C GLU B 307 26.71 52.87 12.17
N LYS B 308 26.19 51.67 12.45
CA LYS B 308 26.43 50.97 13.71
C LYS B 308 27.81 50.31 13.65
N GLY B 309 28.80 50.97 14.23
CA GLY B 309 30.22 50.65 14.04
C GLY B 309 30.58 49.20 14.28
N LEU B 310 31.40 48.64 13.40
CA LEU B 310 31.91 47.28 13.56
C LEU B 310 33.06 47.30 14.55
N ASP B 311 33.32 46.15 15.16
CA ASP B 311 34.46 45.99 16.06
C ASP B 311 35.70 45.63 15.23
N ILE B 312 36.23 46.64 14.55
CA ILE B 312 37.43 46.50 13.71
C ILE B 312 38.43 47.57 14.11
N GLU B 313 39.47 47.12 14.80
CA GLU B 313 40.69 47.92 15.05
C GLU B 313 41.30 48.54 13.78
N LYS B 314 41.39 47.74 12.73
CA LYS B 314 42.24 48.02 11.57
C LYS B 314 41.39 47.98 10.28
N ALA B 315 41.51 46.92 9.48
CA ALA B 315 40.73 46.77 8.25
C ALA B 315 40.81 45.31 7.80
N PHE B 316 39.67 44.62 7.83
CA PHE B 316 39.60 43.22 7.45
C PHE B 316 39.45 43.11 5.93
N HIS B 317 40.34 42.36 5.29
CA HIS B 317 40.32 42.15 3.84
C HIS B 317 39.95 40.69 3.53
N LEU B 318 38.91 40.49 2.73
CA LEU B 318 38.41 39.16 2.41
C LEU B 318 38.10 39.02 0.92
N GLY B 319 38.73 38.05 0.27
CA GLY B 319 38.43 37.70 -1.11
C GLY B 319 37.26 36.73 -1.14
N VAL B 320 36.22 37.03 -1.94
CA VAL B 320 35.03 36.18 -2.03
C VAL B 320 34.65 35.94 -3.49
N ASN B 321 34.04 34.78 -3.73
CA ASN B 321 33.35 34.50 -4.99
C ASN B 321 32.02 35.26 -4.97
N ALA B 322 31.79 36.08 -5.99
CA ALA B 322 30.62 36.96 -6.05
C ALA B 322 29.31 36.20 -6.03
N LYS B 323 29.20 35.26 -6.96
CA LYS B 323 28.03 34.43 -7.15
C LYS B 323 27.69 33.64 -5.89
N PHE B 324 28.70 33.05 -5.24
CA PHE B 324 28.48 32.24 -4.04
C PHE B 324 28.04 33.10 -2.86
N PHE B 325 28.65 34.28 -2.70
CA PHE B 325 28.25 35.23 -1.66
C PHE B 325 26.79 35.66 -1.87
N LEU B 326 26.42 35.95 -3.12
CA LEU B 326 25.05 36.37 -3.46
C LEU B 326 24.02 35.31 -3.12
N GLU B 327 24.26 34.09 -3.60
CA GLU B 327 23.37 32.96 -3.34
C GLU B 327 23.20 32.69 -1.85
N ALA B 328 24.28 32.80 -1.08
CA ALA B 328 24.19 32.69 0.38
C ALA B 328 23.29 33.76 0.99
N LEU B 329 23.43 35.02 0.54
CA LEU B 329 22.52 36.11 0.97
C LEU B 329 21.09 35.89 0.49
N ASN B 330 20.94 35.42 -0.75
CA ASN B 330 19.61 35.09 -1.30
C ASN B 330 18.84 34.06 -0.48
N ALA B 331 19.56 33.15 0.19
CA ALA B 331 18.94 32.16 1.07
C ALA B 331 18.51 32.67 2.46
N LEU B 332 18.81 33.93 2.80
CA LEU B 332 18.46 34.52 4.10
C LEU B 332 17.13 35.28 4.04
N GLY B 333 16.28 35.08 5.05
CA GLY B 333 15.00 35.77 5.20
C GLY B 333 15.01 37.07 5.99
N THR B 334 16.18 37.46 6.53
CA THR B 334 16.33 38.69 7.32
C THR B 334 16.85 39.85 6.47
N THR B 335 16.70 41.07 6.99
CA THR B 335 17.19 42.29 6.33
C THR B 335 18.66 42.58 6.60
N GLN B 336 19.18 42.01 7.69
CA GLN B 336 20.60 42.07 8.02
C GLN B 336 21.14 40.65 8.08
N PHE B 337 22.45 40.51 7.91
CA PHE B 337 23.12 39.22 8.01
C PHE B 337 24.38 39.32 8.85
N VAL B 338 24.79 38.19 9.40
CA VAL B 338 26.01 38.10 10.19
C VAL B 338 27.08 37.41 9.35
N LEU B 339 28.24 38.05 9.25
CA LEU B 339 29.43 37.49 8.61
C LEU B 339 30.40 37.10 9.72
N ARG B 340 30.54 35.81 9.97
CA ARG B 340 31.44 35.30 11.01
C ARG B 340 32.75 34.85 10.37
N CYS B 341 33.87 35.37 10.87
CA CYS B 341 35.21 35.18 10.27
C CYS B 341 36.28 34.79 11.28
N ASN B 342 37.31 34.12 10.77
CA ASN B 342 38.59 33.93 11.46
C ASN B 342 39.65 34.69 10.66
N GLU B 343 40.66 34.01 10.09
CA GLU B 343 41.62 34.68 9.21
C GLU B 343 41.02 34.81 7.81
N PRO B 344 41.56 35.73 6.97
CA PRO B 344 41.16 35.85 5.57
C PRO B 344 41.33 34.60 4.69
N SER B 345 42.25 33.70 5.05
CA SER B 345 42.50 32.47 4.28
C SER B 345 41.65 31.26 4.70
N SER B 346 40.86 31.39 5.77
CA SER B 346 40.09 30.27 6.32
C SER B 346 38.60 30.46 6.07
N PRO B 347 37.80 29.37 6.19
CA PRO B 347 36.35 29.48 5.96
C PRO B 347 35.66 30.59 6.74
N PHE B 348 34.60 31.15 6.16
CA PHE B 348 33.75 32.12 6.85
C PHE B 348 32.28 31.76 6.68
N LEU B 349 31.49 32.15 7.68
CA LEU B 349 30.07 31.83 7.73
C LEU B 349 29.19 33.04 7.39
N ILE B 350 28.11 32.78 6.68
CA ILE B 350 27.05 33.76 6.44
C ILE B 350 25.77 33.18 7.01
N GLN B 351 25.08 33.96 7.84
CA GLN B 351 23.81 33.54 8.39
C GLN B 351 22.92 34.71 8.74
N GLU B 352 21.67 34.40 9.08
CA GLU B 352 20.68 35.42 9.40
C GLU B 352 21.05 36.15 10.68
N SER B 353 20.46 37.34 10.84
CA SER B 353 20.51 38.06 12.09
C SER B 353 19.54 37.36 13.06
N LEU B 354 19.93 37.26 14.33
CA LEU B 354 19.18 36.51 15.36
C LEU B 354 18.85 35.06 14.92
N ASP B 355 19.87 34.35 14.43
CA ASP B 355 19.71 32.97 13.95
C ASP B 355 19.33 31.97 15.06
N GLU B 356 19.76 32.25 16.29
CA GLU B 356 19.47 31.37 17.43
C GLU B 356 17.99 31.42 17.86
N LYS B 357 17.30 32.51 17.54
CA LYS B 357 15.87 32.67 17.84
C LYS B 357 15.05 31.66 17.03
N GLN B 358 13.99 31.12 17.65
CA GLN B 358 13.23 30.00 17.07
C GLN B 358 12.18 30.44 16.04
N SER B 359 12.10 29.71 14.93
CA SER B 359 11.08 29.91 13.88
C SER B 359 10.20 28.68 13.71
N HIS B 360 9.03 28.90 13.10
CA HIS B 360 8.01 27.85 12.89
C HIS B 360 7.81 27.54 11.40
N LEU B 361 7.51 28.58 10.63
CA LEU B 361 7.07 28.47 9.24
C LEU B 361 8.22 28.31 8.22
N ASN B 362 9.36 28.97 8.49
CA ASN B 362 10.52 28.95 7.58
C ASN B 362 11.79 28.38 8.21
N ALA B 363 12.66 27.85 7.36
CA ALA B 363 13.99 27.39 7.78
C ALA B 363 14.97 28.56 7.75
N LYS B 364 15.96 28.51 8.64
CA LYS B 364 17.06 29.47 8.66
C LYS B 364 18.31 28.78 8.14
N ILE B 365 18.78 29.20 6.96
CA ILE B 365 19.90 28.54 6.28
C ILE B 365 21.17 29.35 6.50
N SER B 366 22.20 28.69 7.03
CA SER B 366 23.53 29.25 7.19
C SER B 366 24.47 28.68 6.11
N THR B 367 25.42 29.48 5.64
CA THR B 367 26.36 29.05 4.58
C THR B 367 27.83 29.30 4.96
N LEU B 368 28.61 28.21 4.99
CA LEU B 368 30.05 28.28 5.21
C LEU B 368 30.75 28.30 3.86
N MET B 369 31.73 29.19 3.71
CA MET B 369 32.32 29.51 2.41
C MET B 369 33.84 29.62 2.46
N MET B 370 34.53 28.91 1.56
CA MET B 370 35.97 29.08 1.37
C MET B 370 36.24 30.43 0.71
N PRO B 371 37.14 31.24 1.28
CA PRO B 371 37.47 32.51 0.64
C PRO B 371 38.43 32.34 -0.53
N ILE B 372 38.59 33.42 -1.29
CA ILE B 372 39.62 33.55 -2.31
C ILE B 372 40.84 34.19 -1.66
N THR B 373 42.02 33.74 -2.04
CA THR B 373 43.29 34.29 -1.53
C THR B 373 43.55 35.67 -2.14
N LEU B 374 43.89 36.64 -1.28
CA LEU B 374 44.06 38.07 -1.64
C LEU B 374 42.72 38.71 -2.04
FAT 1FL C . -20.04 -33.11 -9.01
CAN 1FL C . -20.84 -33.64 -9.95
CAM 1FL C . -22.11 -34.09 -9.64
CAF 1FL C . -22.93 -34.63 -10.63
FAE 1FL C . -24.15 -35.06 -10.29
CAG 1FL C . -22.50 -34.73 -11.96
CAH 1FL C . -21.22 -34.29 -12.33
CAO 1FL C . -20.37 -33.74 -11.37
CAP 1FL C . -19.01 -33.26 -11.73
CAI 1FL C . -18.11 -34.11 -12.40
CAJ 1FL C . -16.83 -33.63 -12.73
CAC 1FL C . -15.85 -34.52 -13.44
OAD 1FL C . -16.27 -35.39 -14.24
OAB 1FL C . -14.63 -34.37 -13.22
CAQ 1FL C . -18.65 -31.94 -11.41
CAR 1FL C . -17.40 -31.43 -11.72
CAK 1FL C . -16.46 -32.23 -12.38
OAL 1FL C . -15.23 -31.73 -12.69
FAT 1FL D . 31.94 23.36 1.33
CAN 1FL D . 32.94 23.70 2.15
CAM 1FL D . 33.10 25.04 2.51
CAF 1FL D . 34.13 25.41 3.36
FAE 1FL D . 34.26 26.71 3.70
CAG 1FL D . 35.03 24.47 3.87
CAH 1FL D . 34.92 23.11 3.53
CAO 1FL D . 33.90 22.69 2.69
CAP 1FL D . 33.77 21.24 2.33
CAI 1FL D . 34.86 20.54 1.81
CAJ 1FL D . 34.73 19.19 1.48
CAC 1FL D . 35.89 18.39 0.91
OAD 1FL D . 35.82 17.15 0.90
OAB 1FL D . 36.89 18.98 0.46
CAQ 1FL D . 32.54 20.61 2.54
CAR 1FL D . 32.35 19.27 2.22
CAK 1FL D . 33.42 18.52 1.70
OAL 1FL D . 33.23 17.21 1.39
#